data_7ROO
#
_entry.id   7ROO
#
_cell.length_a   93.470
_cell.length_b   138.656
_cell.length_c   99.511
_cell.angle_alpha   90.000
_cell.angle_beta   90.000
_cell.angle_gamma   90.000
#
_symmetry.space_group_name_H-M   'C 2 2 21'
#
loop_
_entity.id
_entity.type
_entity.pdbx_description
1 polymer CylK
2 non-polymer 1,2-ETHANEDIOL
3 non-polymer 'BROMIDE ION'
4 non-polymer 'CALCIUM ION'
5 non-polymer 'MAGNESIUM ION'
6 non-polymer 'SODIUM ION'
7 water water
#
_entity_poly.entity_id   1
_entity_poly.type   'polypeptide(L)'
_entity_poly.pdbx_seq_one_letter_code
;MKKNKKTTKSLLSADEKITESLRSTLSDVLPDQLQTYIRTVLQFSGRPEGANLLTGPNTEIEFFSQDPNKNFPNIFAKYS
NVLTVSSDPNFITSEDEEVKIIWGRHGSDSLIGFDPGADLVGKRRIDIFLGDFIDEQFNPIPGALNAGKSWSDRFILGDW
QKPYYFEDDETLGLNQSAMILDFNPNEDVIQLHGDRQDYELVNISLGTAIFWREKKGYDLIGVLGGVSDLSLKGDYFEFK
GNTAPKTVLKTAEHIGTAANDYIFSSTVDAKGNFYVGGGTGGSLGGRNIGARDAWLAKYDSNGNQRWSRQFGSTGTESLW
GMASDGSNIYVAGNTTGQLENNTVKGGNDAYLAKYDSDGNQVWIKQNGTYTLEESYKITVDSSGNIYTAGHTFGSLGGPN
QNLEQGEVFELPSTDGYVAKFDSNGNQLWVAQFGTITLDDNWGVAADNNGNVFAGGNTKGSFGAKNTGTAGEYDAWLVKL
NKDGQTDWVRQFGTPNYDFMWDIETDSLGDIYATGWTLGDLGGKNAGSYDVWLAKYNTNGNQLWIKQFGTSEDDAPFLDG
IDIDANDNIFLTGNTNGNLGGANAGSYDAWAAKFDKDGNQLWLKQFGTPDYDTATTVTAVNFGKLYVSGITEGSLGTTNA
GSYDSWALKLDADNGEIQDFNSSTNTFGQTGFLNLGSAWSHPQFEK
;
_entity_poly.pdbx_strand_id   A
#
loop_
_chem_comp.id
_chem_comp.type
_chem_comp.name
_chem_comp.formula
BR non-polymer 'BROMIDE ION' 'Br -1'
CA non-polymer 'CALCIUM ION' 'Ca 2'
EDO non-polymer 1,2-ETHANEDIOL 'C2 H6 O2'
MG non-polymer 'MAGNESIUM ION' 'Mg 2'
NA non-polymer 'SODIUM ION' 'Na 1'
#
# COMPACT_ATOMS: atom_id res chain seq x y z
N THR A 7 31.84 28.56 15.63
CA THR A 7 30.93 27.48 15.14
C THR A 7 29.47 27.92 15.35
N THR A 8 29.24 28.83 16.29
CA THR A 8 27.98 29.64 16.39
C THR A 8 27.69 30.22 15.01
N LYS A 9 28.68 30.84 14.37
CA LYS A 9 28.54 31.37 12.98
C LYS A 9 28.16 30.24 12.01
N SER A 10 28.74 29.06 12.16
CA SER A 10 28.46 27.94 11.22
C SER A 10 27.02 27.48 11.41
N LEU A 11 26.52 27.44 12.65
CA LEU A 11 25.15 26.98 12.99
C LEU A 11 24.15 27.99 12.45
N LEU A 12 24.48 29.29 12.54
CA LEU A 12 23.62 30.34 11.98
C LEU A 12 23.60 30.21 10.45
N SER A 13 24.74 29.92 9.82
CA SER A 13 24.82 29.79 8.34
C SER A 13 23.96 28.59 7.90
N ALA A 14 24.00 27.49 8.64
CA ALA A 14 23.24 26.26 8.31
C ALA A 14 21.76 26.61 8.36
N ASP A 15 21.29 27.38 9.36
CA ASP A 15 19.86 27.71 9.46
C ASP A 15 19.44 28.51 8.24
N GLU A 16 20.21 29.52 7.86
CA GLU A 16 19.96 30.32 6.64
C GLU A 16 19.92 29.41 5.43
N LYS A 17 20.94 28.59 5.21
CA LYS A 17 21.00 27.79 3.96
C LYS A 17 19.81 26.81 3.91
N ILE A 18 19.49 26.16 5.01
CA ILE A 18 18.36 25.18 5.04
C ILE A 18 17.08 25.92 4.72
N THR A 19 16.82 27.03 5.40
CA THR A 19 15.59 27.83 5.23
C THR A 19 15.49 28.24 3.77
N GLU A 20 16.55 28.76 3.17
CA GLU A 20 16.49 29.31 1.80
C GLU A 20 16.30 28.15 0.82
N SER A 21 16.94 27.01 1.08
CA SER A 21 16.90 25.86 0.16
C SER A 21 15.48 25.28 0.17
N LEU A 22 14.96 24.97 1.35
CA LEU A 22 13.57 24.41 1.46
C LEU A 22 12.57 25.41 0.87
N ARG A 23 12.67 26.70 1.23
CA ARG A 23 11.75 27.73 0.69
C ARG A 23 11.74 27.66 -0.83
N SER A 24 12.92 27.60 -1.47
CA SER A 24 13.08 27.59 -2.94
C SER A 24 12.35 26.38 -3.55
N THR A 25 12.68 25.21 -3.05
CA THR A 25 12.15 23.95 -3.64
C THR A 25 10.65 23.86 -3.37
N LEU A 26 10.20 24.05 -2.13
CA LEU A 26 8.76 23.88 -1.82
C LEU A 26 7.96 24.89 -2.63
N SER A 27 8.43 26.14 -2.74
CA SER A 27 7.67 27.20 -3.42
C SER A 27 7.64 26.99 -4.93
N ASP A 28 8.67 26.41 -5.50
CA ASP A 28 8.74 26.18 -6.96
C ASP A 28 7.85 24.97 -7.33
N VAL A 29 7.77 23.97 -6.45
CA VAL A 29 7.16 22.68 -6.87
C VAL A 29 5.69 22.66 -6.43
N LEU A 30 5.37 23.01 -5.21
CA LEU A 30 3.99 22.83 -4.71
C LEU A 30 3.04 23.78 -5.40
N PRO A 31 1.90 23.25 -5.89
CA PRO A 31 0.86 24.08 -6.45
C PRO A 31 0.34 25.08 -5.41
N ASP A 32 -0.03 26.23 -5.94
CA ASP A 32 -0.52 27.40 -5.17
C ASP A 32 -1.72 27.03 -4.29
N GLN A 33 -2.66 26.17 -4.73
CA GLN A 33 -3.81 25.78 -3.87
C GLN A 33 -3.25 25.07 -2.64
N LEU A 34 -2.27 24.18 -2.81
CA LEU A 34 -1.74 23.40 -1.67
C LEU A 34 -0.97 24.36 -0.79
N GLN A 35 -0.13 25.22 -1.39
CA GLN A 35 0.63 26.19 -0.57
C GLN A 35 -0.33 27.04 0.28
N THR A 36 -1.41 27.53 -0.32
CA THR A 36 -2.40 28.38 0.37
C THR A 36 -2.98 27.63 1.57
N TYR A 37 -3.48 26.39 1.41
CA TYR A 37 -4.03 25.65 2.56
C TYR A 37 -3.00 25.52 3.69
N ILE A 38 -1.79 25.08 3.36
CA ILE A 38 -0.74 24.81 4.37
C ILE A 38 -0.38 26.12 5.08
N ARG A 39 -0.26 27.23 4.34
CA ARG A 39 0.07 28.53 4.96
C ARG A 39 -1.03 28.91 5.96
N THR A 40 -2.29 28.64 5.63
CA THR A 40 -3.44 29.02 6.51
C THR A 40 -3.35 28.21 7.80
N VAL A 41 -3.05 26.92 7.72
CA VAL A 41 -2.94 26.10 8.96
C VAL A 41 -1.79 26.64 9.81
N LEU A 42 -0.66 26.92 9.17
CA LEU A 42 0.54 27.37 9.92
C LEU A 42 0.29 28.77 10.52
N GLN A 43 -0.30 29.69 9.76
CA GLN A 43 -0.60 31.09 10.17
C GLN A 43 -1.56 31.03 11.35
N PHE A 44 -2.66 30.30 11.20
CA PHE A 44 -3.65 30.16 12.30
C PHE A 44 -2.99 29.59 13.55
N SER A 45 -2.01 28.71 13.42
CA SER A 45 -1.28 28.16 14.58
C SER A 45 -0.17 29.15 14.97
N GLY A 46 0.02 30.29 14.28
CA GLY A 46 1.09 31.27 14.56
C GLY A 46 2.47 30.63 14.43
N ARG A 47 2.72 29.91 13.34
CA ARG A 47 4.01 29.22 13.01
C ARG A 47 4.51 29.86 11.73
N PRO A 48 4.96 31.13 11.83
CA PRO A 48 5.38 31.93 10.68
C PRO A 48 6.61 31.36 9.96
N GLU A 49 7.51 30.73 10.72
CA GLU A 49 8.75 30.10 10.18
C GLU A 49 8.32 29.12 9.09
N GLY A 50 7.32 28.30 9.35
CA GLY A 50 6.83 27.37 8.31
C GLY A 50 6.10 28.12 7.20
N ALA A 51 5.18 29.03 7.54
CA ALA A 51 4.38 29.72 6.52
C ALA A 51 5.31 30.43 5.53
N ASN A 52 6.44 30.98 6.01
CA ASN A 52 7.34 31.83 5.20
C ASN A 52 8.22 30.95 4.29
N LEU A 53 8.13 29.63 4.38
CA LEU A 53 8.79 28.75 3.39
C LEU A 53 7.98 28.71 2.09
N LEU A 54 6.71 29.11 2.09
CA LEU A 54 5.80 28.97 0.93
C LEU A 54 5.48 30.35 0.34
N THR A 55 6.12 30.73 -0.77
CA THR A 55 6.10 32.15 -1.24
C THR A 55 5.11 32.37 -2.38
N GLY A 56 4.36 31.35 -2.82
CA GLY A 56 3.36 31.50 -3.89
C GLY A 56 2.24 32.46 -3.48
N PRO A 57 1.46 32.97 -4.45
CA PRO A 57 0.34 33.84 -4.14
C PRO A 57 -0.79 33.07 -3.42
N ASN A 58 -1.51 33.75 -2.53
CA ASN A 58 -2.78 33.24 -1.96
C ASN A 58 -3.73 32.95 -3.11
N THR A 59 -4.18 31.72 -3.21
CA THR A 59 -4.97 31.22 -4.34
C THR A 59 -6.20 30.52 -3.76
N GLU A 60 -7.37 30.78 -4.34
CA GLU A 60 -8.60 30.14 -3.85
C GLU A 60 -8.51 28.63 -4.09
N ILE A 61 -8.94 27.85 -3.12
CA ILE A 61 -9.05 26.38 -3.16
C ILE A 61 -10.37 26.01 -3.84
N GLU A 62 -10.35 25.16 -4.87
CA GLU A 62 -11.58 24.88 -5.66
C GLU A 62 -11.95 23.41 -5.50
N PHE A 63 -13.22 23.09 -5.46
CA PHE A 63 -13.71 21.70 -5.42
C PHE A 63 -14.74 21.44 -6.52
N PHE A 64 -15.34 22.45 -7.18
CA PHE A 64 -16.53 22.24 -8.05
C PHE A 64 -16.25 22.78 -9.44
N SER A 65 -14.99 22.86 -9.85
CA SER A 65 -14.61 23.15 -11.26
C SER A 65 -15.14 22.02 -12.16
N GLN A 66 -15.57 22.34 -13.37
CA GLN A 66 -15.94 21.36 -14.43
C GLN A 66 -14.69 20.67 -14.97
N ASP A 67 -13.51 21.25 -14.74
CA ASP A 67 -12.20 20.66 -15.09
C ASP A 67 -11.68 19.97 -13.83
N PRO A 68 -11.76 18.61 -13.71
CA PRO A 68 -11.25 17.93 -12.50
C PRO A 68 -9.82 18.39 -12.15
N ASN A 69 -9.02 18.81 -13.14
CA ASN A 69 -7.60 19.17 -12.93
C ASN A 69 -7.48 20.46 -12.11
N LYS A 70 -8.55 21.23 -12.01
CA LYS A 70 -8.51 22.52 -11.29
C LYS A 70 -8.95 22.30 -9.84
N ASN A 71 -9.41 21.09 -9.50
CA ASN A 71 -9.97 20.83 -8.16
C ASN A 71 -8.86 20.36 -7.21
N PHE A 72 -8.91 20.83 -5.96
CA PHE A 72 -7.89 20.57 -4.89
C PHE A 72 -7.59 19.08 -4.77
N PRO A 73 -8.58 18.15 -4.71
CA PRO A 73 -8.25 16.72 -4.57
C PRO A 73 -7.34 16.16 -5.68
N ASN A 74 -7.57 16.60 -6.90
CA ASN A 74 -6.84 16.13 -8.09
C ASN A 74 -5.44 16.75 -8.03
N ILE A 75 -5.32 18.02 -7.66
CA ILE A 75 -3.98 18.68 -7.52
C ILE A 75 -3.22 17.98 -6.39
N PHE A 76 -3.86 17.79 -5.25
CA PHE A 76 -3.26 17.14 -4.08
C PHE A 76 -2.82 15.72 -4.41
N ALA A 77 -3.62 14.99 -5.21
CA ALA A 77 -3.28 13.58 -5.51
C ALA A 77 -1.91 13.48 -6.17
N LYS A 78 -1.58 14.41 -7.07
CA LYS A 78 -0.31 14.34 -7.78
C LYS A 78 0.86 14.37 -6.80
N TYR A 79 0.79 15.12 -5.69
CA TYR A 79 1.92 15.43 -4.78
C TYR A 79 1.79 14.64 -3.48
N SER A 80 0.97 13.59 -3.44
CA SER A 80 0.75 12.86 -2.16
C SER A 80 0.72 11.35 -2.35
N ASN A 81 1.04 10.68 -1.25
CA ASN A 81 0.70 9.27 -0.96
C ASN A 81 -0.21 9.30 0.26
N VAL A 82 -1.49 9.10 0.07
CA VAL A 82 -2.46 9.10 1.20
C VAL A 82 -2.71 7.63 1.52
N LEU A 83 -2.29 7.18 2.69
CA LEU A 83 -2.39 5.76 3.03
C LEU A 83 -3.69 5.52 3.77
N THR A 84 -3.81 4.40 4.48
CA THR A 84 -5.14 3.91 4.92
C THR A 84 -5.28 3.99 6.43
N VAL A 85 -6.44 3.64 6.92
CA VAL A 85 -6.70 3.58 8.36
C VAL A 85 -5.93 2.43 8.98
N SER A 86 -5.37 1.54 8.14
CA SER A 86 -4.59 0.37 8.62
C SER A 86 -3.20 0.80 9.10
N SER A 87 -2.45 -0.08 9.78
CA SER A 87 -0.98 0.05 9.95
C SER A 87 -0.30 -0.29 8.61
N ASP A 88 0.07 0.72 7.86
CA ASP A 88 0.48 0.58 6.45
C ASP A 88 2.01 0.64 6.32
N PRO A 89 2.60 -0.22 5.47
CA PRO A 89 3.87 0.15 4.81
C PRO A 89 3.45 1.13 3.71
N ASN A 90 4.34 1.99 3.19
CA ASN A 90 3.97 2.88 2.04
C ASN A 90 3.93 2.05 0.76
N PHE A 91 2.84 1.34 0.51
CA PHE A 91 2.76 0.38 -0.62
C PHE A 91 2.54 1.15 -1.94
N ILE A 92 2.46 2.47 -1.91
CA ILE A 92 2.24 3.32 -3.12
C ILE A 92 3.47 4.22 -3.34
N THR A 93 4.62 3.98 -2.71
CA THR A 93 5.83 4.83 -2.88
C THR A 93 6.36 4.73 -4.31
N SER A 94 6.75 5.85 -4.88
CA SER A 94 7.30 5.90 -6.25
C SER A 94 8.05 7.21 -6.43
N GLU A 95 9.19 7.18 -7.12
CA GLU A 95 10.06 8.38 -7.30
C GLU A 95 9.57 9.21 -8.49
N ASP A 96 8.37 9.73 -8.46
CA ASP A 96 7.80 10.41 -9.65
C ASP A 96 7.64 11.92 -9.41
N GLU A 97 7.98 12.48 -8.25
CA GLU A 97 7.88 13.94 -8.04
C GLU A 97 9.05 14.44 -7.20
N GLU A 98 9.36 15.72 -7.35
CA GLU A 98 10.44 16.32 -6.55
C GLU A 98 10.00 16.47 -5.09
N VAL A 99 8.73 16.83 -4.87
CA VAL A 99 8.17 17.03 -3.51
C VAL A 99 6.95 16.14 -3.38
N LYS A 100 6.88 15.40 -2.28
CA LYS A 100 5.73 14.46 -2.09
C LYS A 100 5.38 14.49 -0.61
N ILE A 101 4.07 14.51 -0.35
CA ILE A 101 3.50 14.41 1.00
C ILE A 101 3.19 12.95 1.23
N ILE A 102 3.73 12.35 2.29
CA ILE A 102 3.52 10.92 2.60
C ILE A 102 2.74 10.88 3.93
N TRP A 103 1.49 10.45 3.88
CA TRP A 103 0.50 10.69 4.94
C TRP A 103 -0.02 9.35 5.45
N GLY A 104 0.41 8.96 6.65
CA GLY A 104 0.08 7.62 7.17
C GLY A 104 -1.35 7.46 7.65
N ARG A 105 -1.92 8.50 8.22
CA ARG A 105 -3.27 8.45 8.84
C ARG A 105 -3.21 7.43 9.98
N HIS A 106 -4.34 6.84 10.33
CA HIS A 106 -4.36 5.99 11.54
C HIS A 106 -3.42 4.81 11.37
N GLY A 107 -3.16 4.11 12.46
CA GLY A 107 -2.29 2.92 12.43
C GLY A 107 -0.82 3.29 12.59
N SER A 108 -0.06 2.25 12.94
CA SER A 108 1.40 2.29 13.11
C SER A 108 2.07 2.13 11.76
N ASP A 109 2.34 3.22 11.06
CA ASP A 109 2.74 3.16 9.65
C ASP A 109 4.27 3.09 9.56
N SER A 110 4.73 2.36 8.55
CA SER A 110 6.15 2.23 8.20
C SER A 110 6.35 3.08 6.95
N LEU A 111 6.76 4.31 7.18
CA LEU A 111 6.73 5.30 6.08
C LEU A 111 8.10 5.43 5.41
N ILE A 112 8.11 5.21 4.09
CA ILE A 112 9.28 5.45 3.24
C ILE A 112 8.79 6.31 2.07
N GLY A 113 9.66 7.19 1.59
CA GLY A 113 9.40 7.91 0.33
C GLY A 113 10.52 7.74 -0.65
N PHE A 114 11.71 7.45 -0.17
CA PHE A 114 12.92 7.47 -1.03
C PHE A 114 13.14 6.09 -1.60
N ASP A 115 13.60 6.03 -2.83
CA ASP A 115 14.02 4.74 -3.43
C ASP A 115 15.53 4.79 -3.61
N PRO A 116 16.29 4.05 -2.80
CA PRO A 116 17.75 4.13 -2.81
C PRO A 116 18.35 3.46 -4.05
N GLY A 117 17.51 2.76 -4.82
CA GLY A 117 17.99 2.14 -6.06
C GLY A 117 17.65 2.94 -7.29
N ALA A 118 16.92 4.04 -7.16
CA ALA A 118 16.58 4.91 -8.31
C ALA A 118 17.78 5.81 -8.70
N ASP A 119 17.83 6.29 -9.95
CA ASP A 119 18.87 7.24 -10.36
C ASP A 119 18.34 8.63 -10.03
N LEU A 120 18.73 9.19 -8.88
CA LEU A 120 18.24 10.54 -8.44
C LEU A 120 19.43 11.50 -8.39
N VAL A 121 20.52 11.22 -9.13
CA VAL A 121 21.70 12.14 -9.09
C VAL A 121 21.30 13.50 -9.64
N GLY A 122 21.55 14.53 -8.81
CA GLY A 122 21.24 15.92 -9.13
C GLY A 122 19.76 16.26 -9.03
N LYS A 123 18.90 15.35 -8.60
CA LYS A 123 17.45 15.67 -8.56
C LYS A 123 17.11 16.30 -7.22
N ARG A 124 16.15 17.20 -7.20
CA ARG A 124 15.63 17.74 -5.93
C ARG A 124 14.60 16.76 -5.38
N ARG A 125 14.71 16.46 -4.09
CA ARG A 125 13.79 15.47 -3.48
C ARG A 125 13.47 15.93 -2.06
N ILE A 126 12.24 16.34 -1.81
CA ILE A 126 11.78 16.56 -0.43
C ILE A 126 10.59 15.62 -0.23
N ASP A 127 10.69 14.76 0.77
CA ASP A 127 9.53 13.95 1.21
C ASP A 127 9.04 14.52 2.53
N ILE A 128 7.77 14.92 2.57
CA ILE A 128 7.13 15.57 3.74
C ILE A 128 6.28 14.49 4.40
N PHE A 129 6.63 14.08 5.58
CA PHE A 129 5.97 12.95 6.29
C PHE A 129 5.02 13.46 7.35
N LEU A 130 3.81 12.90 7.31
CA LEU A 130 2.77 13.03 8.36
C LEU A 130 2.53 11.62 8.86
N GLY A 131 3.06 11.27 10.02
CA GLY A 131 2.85 9.90 10.56
C GLY A 131 1.38 9.58 10.80
N ASP A 132 0.67 10.50 11.48
CA ASP A 132 -0.76 10.33 11.83
C ASP A 132 -1.56 11.40 11.09
N PHE A 133 -1.79 12.56 11.69
CA PHE A 133 -2.68 13.56 11.08
C PHE A 133 -3.96 12.83 10.65
N ILE A 134 -4.56 12.14 11.62
CA ILE A 134 -5.76 11.33 11.39
C ILE A 134 -6.91 12.28 11.06
N ASP A 135 -7.89 11.73 10.37
CA ASP A 135 -9.09 12.43 9.87
C ASP A 135 -9.75 13.19 11.03
N GLU A 136 -9.85 12.57 12.20
CA GLU A 136 -10.46 13.16 13.41
C GLU A 136 -9.78 14.49 13.80
N GLN A 137 -8.51 14.70 13.48
CA GLN A 137 -7.83 15.96 13.84
C GLN A 137 -8.43 17.09 12.99
N PHE A 138 -8.87 16.85 11.75
CA PHE A 138 -9.42 17.86 10.82
C PHE A 138 -10.93 17.97 11.01
N ASN A 139 -11.58 16.87 11.33
CA ASN A 139 -13.06 16.84 11.41
C ASN A 139 -13.45 17.54 12.67
N PRO A 140 -14.24 18.64 12.60
CA PRO A 140 -14.59 19.32 13.85
C PRO A 140 -15.63 18.62 14.72
N ILE A 141 -16.25 17.54 14.26
CA ILE A 141 -17.33 16.95 15.09
C ILE A 141 -16.69 16.36 16.34
N PRO A 142 -17.28 16.62 17.51
CA PRO A 142 -16.71 16.12 18.76
C PRO A 142 -17.18 14.71 19.09
N GLY A 143 -16.46 14.07 20.02
CA GLY A 143 -16.83 12.77 20.63
C GLY A 143 -16.52 11.56 19.75
N ALA A 144 -15.63 11.68 18.78
CA ALA A 144 -15.26 10.51 17.91
C ALA A 144 -14.57 9.44 18.75
N LEU A 145 -14.82 8.14 18.50
CA LEU A 145 -14.14 7.05 19.24
C LEU A 145 -12.61 7.20 19.20
N ASN A 146 -12.08 7.65 18.09
CA ASN A 146 -10.62 7.77 17.90
C ASN A 146 -10.11 9.20 18.14
N ALA A 147 -10.90 10.11 18.71
CA ALA A 147 -10.40 11.43 19.16
C ALA A 147 -9.14 11.26 20.02
N GLY A 148 -8.10 11.99 19.70
CA GLY A 148 -6.88 12.11 20.50
C GLY A 148 -5.95 10.94 20.32
N LYS A 149 -6.33 9.96 19.51
CA LYS A 149 -5.51 8.74 19.38
C LYS A 149 -4.32 9.01 18.48
N SER A 150 -3.22 8.40 18.82
CA SER A 150 -1.98 8.46 18.01
C SER A 150 -1.39 7.06 18.00
N TRP A 151 -0.51 6.78 17.03
CA TRP A 151 0.16 5.48 16.86
C TRP A 151 1.66 5.67 16.73
N SER A 152 2.41 4.61 16.98
CA SER A 152 3.88 4.60 16.74
CA SER A 152 3.88 4.59 16.74
C SER A 152 4.16 4.49 15.24
N ASP A 153 4.56 5.59 14.61
CA ASP A 153 4.99 5.60 13.21
C ASP A 153 6.49 5.49 13.11
N ARG A 154 6.98 4.83 12.07
CA ARG A 154 8.43 4.71 11.81
C ARG A 154 8.70 5.46 10.51
N PHE A 155 9.60 6.43 10.58
CA PHE A 155 9.96 7.25 9.40
C PHE A 155 11.32 6.73 8.92
N ILE A 156 11.37 6.22 7.71
CA ILE A 156 12.53 5.48 7.17
C ILE A 156 13.41 6.45 6.38
N LEU A 157 14.56 6.77 6.97
CA LEU A 157 15.49 7.77 6.40
C LEU A 157 16.82 7.10 6.04
N GLY A 158 16.87 5.78 6.07
CA GLY A 158 18.02 4.98 5.63
C GLY A 158 17.82 3.51 5.94
N ASP A 159 18.66 2.65 5.39
CA ASP A 159 18.60 1.20 5.62
C ASP A 159 20.03 0.71 5.86
N TRP A 160 20.20 -0.60 5.92
CA TRP A 160 21.56 -1.18 6.12
C TRP A 160 22.50 -0.74 5.00
N GLN A 161 22.03 -0.40 3.81
CA GLN A 161 22.89 -0.18 2.64
C GLN A 161 23.40 1.26 2.60
N LYS A 162 22.56 2.26 2.84
CA LYS A 162 22.98 3.67 2.65
C LYS A 162 21.99 4.56 3.37
N PRO A 163 22.42 5.78 3.73
CA PRO A 163 21.49 6.79 4.17
C PRO A 163 20.71 7.28 2.95
N TYR A 164 19.45 7.67 3.21
CA TYR A 164 18.60 8.24 2.16
C TYR A 164 18.81 9.75 2.04
N TYR A 165 18.45 10.33 0.92
CA TYR A 165 18.50 11.81 0.75
C TYR A 165 19.96 12.28 0.81
N PHE A 166 20.87 11.43 0.37
CA PHE A 166 22.34 11.68 0.52
C PHE A 166 22.95 12.00 -0.83
N GLU A 167 23.49 13.21 -0.94
CA GLU A 167 24.08 13.75 -2.18
C GLU A 167 25.60 13.55 -2.18
N ASP A 168 26.26 13.35 -1.03
CA ASP A 168 27.69 12.91 -0.97
C ASP A 168 28.54 13.89 -1.81
N ASP A 169 28.52 15.17 -1.45
CA ASP A 169 29.17 16.25 -2.26
C ASP A 169 29.64 17.37 -1.35
N GLU A 170 30.10 18.47 -1.95
CA GLU A 170 30.84 19.55 -1.27
C GLU A 170 29.86 20.55 -0.67
N THR A 171 28.54 20.39 -0.93
CA THR A 171 27.45 21.24 -0.36
C THR A 171 26.97 20.67 0.98
N LEU A 172 26.08 21.39 1.67
CA LEU A 172 25.41 20.86 2.90
C LEU A 172 24.38 19.78 2.50
N GLY A 173 24.18 19.50 1.21
CA GLY A 173 23.32 18.35 0.83
C GLY A 173 21.89 18.72 1.08
N LEU A 174 21.47 19.90 0.62
CA LEU A 174 20.12 20.44 0.89
C LEU A 174 19.16 20.12 -0.26
N ASN A 175 19.67 19.57 -1.36
CA ASN A 175 18.85 19.31 -2.54
C ASN A 175 17.88 18.15 -2.25
N GLN A 176 18.25 17.25 -1.32
CA GLN A 176 17.43 16.06 -0.96
C GLN A 176 17.35 16.02 0.56
N SER A 177 16.14 15.91 1.09
CA SER A 177 15.93 15.79 2.56
CA SER A 177 15.92 15.81 2.55
C SER A 177 14.52 15.29 2.83
N ALA A 178 14.36 14.60 3.93
CA ALA A 178 13.02 14.38 4.53
C ALA A 178 12.62 15.61 5.35
N MET A 179 11.32 15.81 5.48
CA MET A 179 10.73 16.83 6.40
C MET A 179 9.65 16.08 7.16
N ILE A 180 9.84 15.79 8.43
CA ILE A 180 8.84 15.04 9.22
C ILE A 180 8.07 16.04 10.08
N LEU A 181 6.76 16.12 9.95
CA LEU A 181 5.99 17.23 10.57
C LEU A 181 5.45 16.87 11.95
N ASP A 182 5.20 15.61 12.28
CA ASP A 182 4.53 15.25 13.54
C ASP A 182 5.32 14.18 14.29
N PHE A 183 6.65 14.27 14.27
CA PHE A 183 7.46 13.31 15.07
C PHE A 183 7.22 13.52 16.56
N ASN A 184 6.81 12.44 17.25
CA ASN A 184 6.62 12.41 18.73
C ASN A 184 7.67 11.47 19.31
N PRO A 185 8.77 11.99 19.93
CA PRO A 185 9.83 11.13 20.39
C PRO A 185 9.36 10.18 21.50
N ASN A 186 8.20 10.43 22.13
CA ASN A 186 7.66 9.47 23.13
C ASN A 186 7.04 8.25 22.45
N GLU A 187 6.79 8.26 21.13
CA GLU A 187 5.99 7.22 20.46
C GLU A 187 6.59 6.76 19.13
N ASP A 188 7.07 7.71 18.32
CA ASP A 188 7.49 7.39 16.93
C ASP A 188 8.96 6.95 16.92
N VAL A 189 9.42 6.49 15.78
CA VAL A 189 10.83 6.07 15.50
C VAL A 189 11.33 6.69 14.22
N ILE A 190 12.57 7.13 14.21
CA ILE A 190 13.29 7.52 12.97
C ILE A 190 14.37 6.49 12.73
N GLN A 191 14.32 5.87 11.57
CA GLN A 191 15.26 4.78 11.20
C GLN A 191 16.38 5.39 10.37
N LEU A 192 17.60 5.07 10.74
CA LEU A 192 18.78 5.63 10.06
C LEU A 192 19.77 4.53 9.67
N HIS A 193 20.47 4.75 8.57
CA HIS A 193 21.66 3.98 8.15
C HIS A 193 22.79 4.17 9.17
N GLY A 194 23.60 3.12 9.40
CA GLY A 194 24.87 3.30 10.15
C GLY A 194 24.68 3.26 11.65
N ASP A 195 25.39 4.15 12.36
CA ASP A 195 25.33 4.22 13.82
C ASP A 195 25.33 5.67 14.27
N ARG A 196 25.15 5.91 15.57
CA ARG A 196 24.92 7.30 16.06
C ARG A 196 26.17 8.15 15.80
N GLN A 197 27.36 7.56 15.63
CA GLN A 197 28.61 8.33 15.40
C GLN A 197 28.62 8.91 13.99
N ASP A 198 27.70 8.49 13.11
CA ASP A 198 27.66 8.96 11.72
C ASP A 198 26.78 10.22 11.59
N TYR A 199 26.24 10.73 12.68
CA TYR A 199 25.24 11.83 12.61
C TYR A 199 25.61 12.98 13.55
N GLU A 200 25.08 14.15 13.23
CA GLU A 200 25.04 15.30 14.14
C GLU A 200 23.62 15.87 14.08
N LEU A 201 23.02 16.13 15.24
CA LEU A 201 21.75 16.91 15.36
C LEU A 201 22.10 18.38 15.51
N VAL A 202 21.42 19.25 14.76
CA VAL A 202 21.61 20.72 14.80
C VAL A 202 20.27 21.38 15.09
N ASN A 203 20.21 22.25 16.11
CA ASN A 203 18.99 23.03 16.40
C ASN A 203 18.85 24.10 15.33
N ILE A 204 17.75 24.10 14.60
CA ILE A 204 17.42 25.11 13.56
C ILE A 204 16.08 25.77 13.90
N SER A 205 15.69 26.81 13.17
CA SER A 205 14.46 27.59 13.39
C SER A 205 13.26 26.66 13.26
N LEU A 206 13.32 25.73 12.32
CA LEU A 206 12.17 24.84 12.04
C LEU A 206 12.07 23.68 13.05
N GLY A 207 13.07 23.40 13.83
CA GLY A 207 13.12 22.27 14.78
C GLY A 207 14.50 21.69 14.85
N THR A 208 14.69 20.47 14.39
CA THR A 208 15.96 19.76 14.45
C THR A 208 16.40 19.33 13.06
N ALA A 209 17.66 19.54 12.71
CA ALA A 209 18.27 19.04 11.45
C ALA A 209 19.08 17.79 11.80
N ILE A 210 18.83 16.70 11.06
CA ILE A 210 19.68 15.48 11.13
C ILE A 210 20.69 15.55 9.99
N PHE A 211 21.97 15.70 10.30
CA PHE A 211 23.05 15.68 9.31
C PHE A 211 23.82 14.39 9.38
N TRP A 212 24.07 13.80 8.23
CA TRP A 212 25.13 12.81 8.04
C TRP A 212 26.46 13.57 8.15
N ARG A 213 27.40 13.00 8.86
CA ARG A 213 28.74 13.65 9.03
C ARG A 213 29.81 12.59 8.81
N GLU A 214 30.74 12.88 7.92
CA GLU A 214 31.96 12.05 7.76
C GLU A 214 33.14 13.02 7.58
N LYS A 215 34.38 12.52 7.52
CA LYS A 215 35.59 13.38 7.35
C LYS A 215 35.29 14.45 6.29
N LYS A 216 34.90 14.00 5.09
CA LYS A 216 34.65 14.79 3.85
C LYS A 216 33.63 15.90 4.06
N GLY A 217 32.67 15.75 4.99
CA GLY A 217 31.71 16.84 5.29
C GLY A 217 30.33 16.35 5.73
N TYR A 218 29.34 17.22 5.53
CA TYR A 218 27.96 17.14 6.10
C TYR A 218 26.96 16.97 4.97
N ASP A 219 25.84 16.29 5.25
CA ASP A 219 24.74 16.17 4.28
C ASP A 219 23.42 16.14 5.05
N LEU A 220 22.51 17.06 4.73
CA LEU A 220 21.20 17.08 5.43
C LEU A 220 20.37 15.83 5.03
N ILE A 221 19.99 15.00 6.00
CA ILE A 221 19.17 13.78 5.74
C ILE A 221 17.72 14.12 6.02
N GLY A 222 17.42 14.85 7.10
CA GLY A 222 16.03 15.19 7.45
C GLY A 222 15.90 16.33 8.40
N VAL A 223 14.74 16.95 8.38
CA VAL A 223 14.35 18.03 9.32
C VAL A 223 13.15 17.54 10.11
N LEU A 224 13.21 17.71 11.43
CA LEU A 224 12.10 17.32 12.33
C LEU A 224 11.41 18.60 12.75
N GLY A 225 10.26 18.90 12.16
CA GLY A 225 9.49 20.11 12.45
C GLY A 225 9.09 20.16 13.90
N GLY A 226 9.38 21.30 14.57
CA GLY A 226 8.78 21.63 15.87
C GLY A 226 9.28 20.81 17.03
N VAL A 227 10.43 20.15 16.89
CA VAL A 227 11.02 19.37 18.01
C VAL A 227 12.49 19.78 18.16
N SER A 228 12.94 19.87 19.41
CA SER A 228 14.26 20.45 19.75
C SER A 228 14.87 19.63 20.89
N ASP A 229 16.19 19.69 21.02
CA ASP A 229 16.98 19.10 22.12
C ASP A 229 16.66 17.59 22.24
N LEU A 230 16.82 16.88 21.12
CA LEU A 230 16.78 15.41 21.07
C LEU A 230 18.21 14.91 21.26
N SER A 231 18.35 13.61 21.37
CA SER A 231 19.67 12.92 21.42
C SER A 231 19.66 11.74 20.46
N LEU A 232 20.78 11.50 19.82
CA LEU A 232 21.02 10.31 18.98
C LEU A 232 21.06 9.03 19.83
N LYS A 233 21.26 9.12 21.15
CA LYS A 233 21.12 7.98 22.08
C LYS A 233 19.65 7.66 22.43
N GLY A 234 18.66 8.46 22.00
CA GLY A 234 17.24 8.19 22.30
C GLY A 234 16.74 6.86 21.74
N ASP A 235 15.76 6.23 22.38
CA ASP A 235 15.20 4.95 21.90
C ASP A 235 14.40 5.22 20.61
N TYR A 236 14.08 6.47 20.36
CA TYR A 236 13.28 6.92 19.19
C TYR A 236 14.14 6.98 17.92
N PHE A 237 15.46 6.83 18.02
CA PHE A 237 16.34 6.56 16.84
C PHE A 237 16.65 5.09 16.79
N GLU A 238 16.44 4.47 15.63
CA GLU A 238 16.82 3.07 15.32
C GLU A 238 17.89 3.10 14.23
N PHE A 239 19.04 2.49 14.51
CA PHE A 239 20.19 2.45 13.57
C PHE A 239 20.29 1.05 12.96
N LYS A 240 20.54 0.96 11.66
CA LYS A 240 20.47 -0.29 10.90
C LYS A 240 21.88 -0.78 10.57
N GLY A 241 22.90 -0.06 10.99
CA GLY A 241 24.28 -0.44 10.65
C GLY A 241 24.58 -0.41 9.17
N ASN A 242 25.54 -1.21 8.70
CA ASN A 242 25.96 -1.13 7.28
C ASN A 242 26.14 -2.52 6.67
N THR A 243 25.54 -3.56 7.23
CA THR A 243 25.61 -4.95 6.70
C THR A 243 24.18 -5.46 6.48
N ALA A 244 23.94 -6.09 5.34
CA ALA A 244 22.65 -6.75 5.06
C ALA A 244 22.31 -7.70 6.18
N PRO A 245 21.01 -7.78 6.53
CA PRO A 245 20.57 -8.71 7.55
C PRO A 245 20.83 -10.16 7.16
N LYS A 246 21.01 -11.01 8.19
CA LYS A 246 21.23 -12.45 8.01
C LYS A 246 19.98 -13.05 7.35
N THR A 247 20.18 -13.95 6.39
CA THR A 247 19.10 -14.60 5.64
C THR A 247 18.36 -15.61 6.50
N VAL A 248 17.03 -15.57 6.45
CA VAL A 248 16.13 -16.61 7.00
C VAL A 248 15.25 -17.14 5.87
N LEU A 249 14.61 -18.26 6.11
CA LEU A 249 13.62 -18.85 5.19
C LEU A 249 14.26 -19.00 3.81
N LYS A 250 15.42 -19.68 3.76
CA LYS A 250 16.06 -19.94 2.46
C LYS A 250 15.21 -20.83 1.55
N THR A 251 14.12 -21.41 2.03
CA THR A 251 13.09 -22.15 1.27
C THR A 251 12.25 -21.23 0.37
N ALA A 252 12.25 -19.91 0.66
CA ALA A 252 11.48 -18.97 -0.18
C ALA A 252 12.17 -18.67 -1.51
N GLU A 253 11.34 -18.31 -2.48
CA GLU A 253 11.76 -17.59 -3.72
C GLU A 253 11.97 -16.15 -3.35
N HIS A 254 13.13 -15.59 -3.70
CA HIS A 254 13.55 -14.22 -3.37
C HIS A 254 13.50 -13.39 -4.67
N ILE A 255 12.88 -12.22 -4.62
CA ILE A 255 12.74 -11.31 -5.77
C ILE A 255 13.21 -9.95 -5.28
N GLY A 256 14.28 -9.41 -5.82
CA GLY A 256 14.72 -8.07 -5.38
C GLY A 256 15.79 -7.48 -6.26
N THR A 257 15.71 -6.16 -6.33
CA THR A 257 16.73 -5.23 -6.86
C THR A 257 17.15 -4.29 -5.73
N ALA A 258 18.11 -3.39 -6.00
CA ALA A 258 18.53 -2.38 -5.04
C ALA A 258 17.39 -1.37 -4.79
N ALA A 259 16.34 -1.39 -5.63
CA ALA A 259 15.20 -0.44 -5.49
C ALA A 259 14.11 -1.03 -4.59
N ASN A 260 13.02 -0.33 -4.47
CA ASN A 260 11.84 -0.85 -3.72
C ASN A 260 11.04 -1.80 -4.61
N ASP A 261 10.93 -3.10 -4.27
CA ASP A 261 10.30 -4.15 -5.10
C ASP A 261 9.15 -4.79 -4.34
N TYR A 262 8.00 -4.90 -4.96
CA TYR A 262 6.76 -5.36 -4.30
C TYR A 262 6.06 -6.42 -5.13
N ILE A 263 5.68 -7.51 -4.50
CA ILE A 263 4.58 -8.35 -4.99
C ILE A 263 3.28 -7.88 -4.36
N PHE A 264 2.24 -7.70 -5.18
CA PHE A 264 0.91 -7.32 -4.67
C PHE A 264 -0.14 -8.35 -5.04
N SER A 265 0.12 -9.26 -5.97
CA SER A 265 -0.90 -10.23 -6.38
C SER A 265 -0.22 -11.47 -6.93
N SER A 266 -1.00 -12.52 -7.12
CA SER A 266 -0.57 -13.82 -7.64
C SER A 266 -1.75 -14.55 -8.26
N THR A 267 -1.46 -15.55 -9.11
CA THR A 267 -2.51 -16.41 -9.68
C THR A 267 -1.86 -17.70 -10.15
N VAL A 268 -2.72 -18.56 -10.65
CA VAL A 268 -2.31 -19.86 -11.26
C VAL A 268 -3.13 -20.05 -12.53
N ASP A 269 -2.55 -20.75 -13.51
CA ASP A 269 -3.28 -21.12 -14.76
C ASP A 269 -3.69 -22.59 -14.69
N ALA A 270 -4.28 -23.08 -15.78
CA ALA A 270 -4.87 -24.43 -15.79
C ALA A 270 -3.76 -25.48 -15.93
N LYS A 271 -2.51 -25.11 -16.20
CA LYS A 271 -1.38 -26.08 -16.25
C LYS A 271 -0.61 -26.07 -14.93
N GLY A 272 -1.05 -25.28 -13.94
CA GLY A 272 -0.32 -25.23 -12.68
C GLY A 272 0.82 -24.25 -12.65
N ASN A 273 0.98 -23.43 -13.68
CA ASN A 273 1.99 -22.38 -13.66
C ASN A 273 1.56 -21.32 -12.65
N PHE A 274 2.52 -20.82 -11.88
CA PHE A 274 2.29 -19.86 -10.78
C PHE A 274 2.82 -18.50 -11.22
N TYR A 275 2.01 -17.47 -11.00
CA TYR A 275 2.39 -16.10 -11.39
C TYR A 275 2.37 -15.19 -10.18
N VAL A 276 3.24 -14.20 -10.22
CA VAL A 276 3.30 -13.11 -9.20
C VAL A 276 3.48 -11.79 -9.93
N GLY A 277 3.14 -10.70 -9.27
CA GLY A 277 3.38 -9.39 -9.91
C GLY A 277 3.16 -8.26 -8.93
N GLY A 278 3.54 -7.06 -9.32
CA GLY A 278 3.42 -5.92 -8.40
C GLY A 278 3.98 -4.66 -8.99
N GLY A 279 4.80 -3.99 -8.21
CA GLY A 279 5.50 -2.76 -8.63
C GLY A 279 6.96 -2.82 -8.28
N THR A 280 7.76 -2.05 -8.99
CA THR A 280 9.22 -1.96 -8.68
C THR A 280 9.76 -0.59 -9.05
N GLY A 281 10.68 -0.07 -8.23
CA GLY A 281 11.47 1.12 -8.60
C GLY A 281 12.75 0.79 -9.30
N GLY A 282 12.95 -0.49 -9.61
CA GLY A 282 14.19 -0.94 -10.22
C GLY A 282 14.00 -1.52 -11.62
N SER A 283 15.04 -2.19 -12.13
CA SER A 283 15.00 -2.96 -13.37
C SER A 283 14.87 -4.45 -13.01
N LEU A 284 13.66 -4.90 -12.74
CA LEU A 284 13.36 -6.25 -12.20
C LEU A 284 12.99 -7.19 -13.36
N GLY A 285 11.94 -6.92 -14.13
CA GLY A 285 11.56 -7.80 -15.25
C GLY A 285 12.01 -7.22 -16.59
N GLY A 286 12.69 -6.07 -16.55
CA GLY A 286 13.19 -5.35 -17.72
C GLY A 286 13.82 -4.04 -17.29
N ARG A 287 14.21 -3.17 -18.22
CA ARG A 287 14.79 -1.86 -17.87
C ARG A 287 13.73 -0.96 -17.24
N ASN A 288 14.06 -0.32 -16.14
CA ASN A 288 13.15 0.65 -15.51
C ASN A 288 12.81 1.78 -16.51
N ILE A 289 11.53 2.11 -16.59
CA ILE A 289 11.03 3.11 -17.57
C ILE A 289 10.96 4.49 -16.88
N GLY A 290 10.82 4.49 -15.56
CA GLY A 290 10.81 5.69 -14.73
C GLY A 290 9.94 5.50 -13.51
N ALA A 291 10.46 5.89 -12.35
CA ALA A 291 9.74 5.80 -11.09
C ALA A 291 9.35 4.33 -10.89
N ARG A 292 8.17 4.07 -10.34
CA ARG A 292 7.71 2.70 -10.18
C ARG A 292 7.14 2.17 -11.49
N ASP A 293 7.43 0.95 -11.86
CA ASP A 293 6.80 0.26 -13.01
C ASP A 293 6.02 -0.96 -12.51
N ALA A 294 5.10 -1.43 -13.33
CA ALA A 294 4.39 -2.71 -13.11
C ALA A 294 5.25 -3.88 -13.59
N TRP A 295 5.11 -5.04 -12.92
CA TRP A 295 5.88 -6.22 -13.37
C TRP A 295 5.10 -7.50 -13.04
N LEU A 296 5.44 -8.57 -13.77
CA LEU A 296 4.85 -9.90 -13.44
C LEU A 296 5.86 -10.95 -13.87
N ALA A 297 5.75 -12.12 -13.26
CA ALA A 297 6.65 -13.24 -13.59
C ALA A 297 5.86 -14.52 -13.55
N LYS A 298 6.31 -15.46 -14.40
CA LYS A 298 5.71 -16.79 -14.52
C LYS A 298 6.70 -17.83 -14.02
N TYR A 299 6.22 -18.77 -13.23
CA TYR A 299 6.97 -19.96 -12.73
C TYR A 299 6.21 -21.19 -13.21
N ASP A 300 6.95 -22.24 -13.60
CA ASP A 300 6.31 -23.52 -13.82
C ASP A 300 5.88 -24.17 -12.50
N SER A 301 5.22 -25.34 -12.55
CA SER A 301 4.66 -25.94 -11.32
C SER A 301 5.78 -26.47 -10.40
N ASN A 302 7.04 -26.44 -10.83
CA ASN A 302 8.21 -26.95 -10.07
C ASN A 302 9.08 -25.81 -9.52
N GLY A 303 8.66 -24.53 -9.59
CA GLY A 303 9.41 -23.43 -8.98
C GLY A 303 10.41 -22.77 -9.93
N ASN A 304 10.40 -23.13 -11.22
CA ASN A 304 11.35 -22.57 -12.17
C ASN A 304 10.76 -21.32 -12.84
N GLN A 305 11.47 -20.19 -12.81
CA GLN A 305 10.97 -18.97 -13.49
C GLN A 305 11.03 -19.21 -15.01
N ARG A 306 9.95 -18.92 -15.71
CA ARG A 306 9.84 -19.05 -17.18
C ARG A 306 10.18 -17.68 -17.80
N TRP A 307 9.63 -16.61 -17.25
CA TRP A 307 9.86 -15.27 -17.83
C TRP A 307 9.47 -14.21 -16.79
N SER A 308 10.00 -13.01 -16.95
CA SER A 308 9.51 -11.85 -16.17
C SER A 308 9.23 -10.73 -17.18
N ARG A 309 8.25 -9.89 -16.89
CA ARG A 309 7.94 -8.75 -17.80
C ARG A 309 7.80 -7.50 -16.92
N GLN A 310 8.19 -6.36 -17.47
CA GLN A 310 8.08 -5.06 -16.77
C GLN A 310 7.51 -4.07 -17.77
N PHE A 311 6.52 -3.31 -17.40
CA PHE A 311 5.89 -2.37 -18.35
C PHE A 311 5.46 -1.17 -17.54
N GLY A 312 5.25 -0.08 -18.24
CA GLY A 312 4.82 1.13 -17.57
C GLY A 312 5.12 2.35 -18.40
N SER A 313 5.27 3.44 -17.68
CA SER A 313 5.43 4.81 -18.18
C SER A 313 6.58 5.45 -17.40
N THR A 314 6.92 6.71 -17.69
CA THR A 314 7.86 7.51 -16.88
C THR A 314 7.19 7.97 -15.58
N GLY A 315 5.88 7.76 -15.49
CA GLY A 315 5.05 7.95 -14.30
C GLY A 315 5.04 6.70 -13.44
N THR A 316 3.98 6.58 -12.65
CA THR A 316 3.85 5.53 -11.62
C THR A 316 2.74 4.57 -12.03
N GLU A 317 3.03 3.27 -11.98
CA GLU A 317 1.98 2.25 -12.12
C GLU A 317 2.38 1.00 -11.32
N SER A 318 1.37 0.22 -10.98
CA SER A 318 1.55 -1.06 -10.30
C SER A 318 0.62 -2.08 -10.93
N LEU A 319 0.96 -3.34 -10.79
CA LEU A 319 0.02 -4.45 -10.93
C LEU A 319 -0.59 -4.70 -9.58
N TRP A 320 -1.89 -4.47 -9.43
CA TRP A 320 -2.57 -4.68 -8.13
C TRP A 320 -3.35 -5.98 -8.13
N GLY A 321 -3.78 -6.47 -9.29
CA GLY A 321 -4.51 -7.73 -9.35
C GLY A 321 -4.16 -8.51 -10.59
N MET A 322 -4.24 -9.82 -10.49
CA MET A 322 -4.06 -10.68 -11.70
C MET A 322 -5.01 -11.88 -11.57
N ALA A 323 -5.44 -12.39 -12.71
CA ALA A 323 -6.33 -13.56 -12.77
C ALA A 323 -6.12 -14.24 -14.11
N SER A 324 -6.45 -15.52 -14.19
CA SER A 324 -6.23 -16.28 -15.46
C SER A 324 -7.57 -16.80 -15.97
N ASP A 325 -7.71 -16.90 -17.28
CA ASP A 325 -8.85 -17.65 -17.87
C ASP A 325 -8.47 -19.13 -18.05
N GLY A 326 -7.36 -19.58 -17.50
CA GLY A 326 -6.83 -20.92 -17.78
C GLY A 326 -5.54 -20.88 -18.56
N SER A 327 -5.40 -19.96 -19.50
CA SER A 327 -4.23 -19.88 -20.41
C SER A 327 -3.63 -18.46 -20.39
N ASN A 328 -4.48 -17.45 -20.60
CA ASN A 328 -4.07 -16.03 -20.57
C ASN A 328 -4.05 -15.54 -19.11
N ILE A 329 -3.31 -14.46 -18.91
CA ILE A 329 -3.18 -13.79 -17.57
C ILE A 329 -3.65 -12.36 -17.74
N TYR A 330 -4.73 -12.01 -17.07
CA TYR A 330 -5.23 -10.63 -17.08
C TYR A 330 -4.69 -9.88 -15.87
N VAL A 331 -4.27 -8.65 -16.10
CA VAL A 331 -3.62 -7.88 -14.99
C VAL A 331 -4.28 -6.51 -14.93
N ALA A 332 -4.43 -5.99 -13.73
CA ALA A 332 -5.10 -4.70 -13.51
C ALA A 332 -4.32 -3.87 -12.51
N GLY A 333 -4.45 -2.57 -12.68
CA GLY A 333 -3.98 -1.63 -11.68
C GLY A 333 -4.19 -0.20 -12.12
N ASN A 334 -3.34 0.68 -11.61
CA ASN A 334 -3.40 2.16 -11.63
CA ASN A 334 -3.50 2.12 -11.91
C ASN A 334 -2.20 2.69 -12.44
N THR A 335 -2.33 3.82 -13.14
CA THR A 335 -1.16 4.50 -13.73
C THR A 335 -1.36 6.02 -13.68
N THR A 336 -0.26 6.74 -13.54
CA THR A 336 -0.22 8.22 -13.69
C THR A 336 0.29 8.59 -15.09
N GLY A 337 0.64 7.58 -15.89
CA GLY A 337 1.14 7.76 -17.25
C GLY A 337 0.11 7.36 -18.28
N GLN A 338 0.61 7.12 -19.47
CA GLN A 338 -0.28 6.73 -20.60
C GLN A 338 0.18 5.39 -21.13
N LEU A 339 -0.51 4.31 -20.78
CA LEU A 339 -0.02 2.95 -21.12
C LEU A 339 -0.62 2.50 -22.47
N GLU A 340 -1.80 2.99 -22.80
CA GLU A 340 -2.51 2.64 -24.06
C GLU A 340 -2.37 3.83 -25.04
N ASN A 341 -1.71 3.63 -26.15
CA ASN A 341 -1.31 4.79 -27.03
C ASN A 341 -2.51 5.24 -27.84
N ASN A 342 -3.61 4.50 -27.88
CA ASN A 342 -4.85 4.88 -28.60
C ASN A 342 -5.62 5.91 -27.80
N THR A 343 -5.33 6.07 -26.50
CA THR A 343 -6.21 6.79 -25.55
C THR A 343 -5.45 7.87 -24.76
N VAL A 344 -6.17 8.89 -24.34
CA VAL A 344 -5.65 10.04 -23.57
C VAL A 344 -5.21 9.52 -22.19
N LYS A 345 -4.40 10.31 -21.50
CA LYS A 345 -4.08 9.99 -20.10
C LYS A 345 -4.78 11.02 -19.23
N GLY A 346 -5.42 10.54 -18.18
CA GLY A 346 -6.04 11.37 -17.14
C GLY A 346 -5.10 11.72 -16.01
N GLY A 347 -4.01 10.98 -15.81
CA GLY A 347 -3.02 11.24 -14.76
C GLY A 347 -3.26 10.41 -13.51
N ASN A 348 -4.39 9.68 -13.46
CA ASN A 348 -4.71 8.80 -12.27
C ASN A 348 -5.82 7.88 -12.77
N ASP A 349 -5.41 6.85 -13.49
CA ASP A 349 -6.32 6.07 -14.36
C ASP A 349 -6.17 4.58 -14.06
N ALA A 350 -7.25 3.85 -14.15
CA ALA A 350 -7.27 2.36 -14.12
C ALA A 350 -6.81 1.81 -15.47
N TYR A 351 -6.17 0.66 -15.47
CA TYR A 351 -5.84 -0.08 -16.71
C TYR A 351 -6.20 -1.55 -16.47
N LEU A 352 -6.34 -2.24 -17.61
CA LEU A 352 -6.46 -3.72 -17.69
C LEU A 352 -5.60 -4.19 -18.86
N ALA A 353 -4.80 -5.22 -18.69
CA ALA A 353 -4.02 -5.76 -19.80
C ALA A 353 -4.19 -7.26 -19.84
N LYS A 354 -3.93 -7.80 -21.03
CA LYS A 354 -3.93 -9.27 -21.28
C LYS A 354 -2.55 -9.74 -21.70
N TYR A 355 -1.98 -10.67 -20.94
CA TYR A 355 -0.74 -11.42 -21.32
C TYR A 355 -1.13 -12.83 -21.77
N ASP A 356 -0.44 -13.29 -22.79
CA ASP A 356 -0.52 -14.72 -23.17
C ASP A 356 0.48 -15.50 -22.31
N SER A 357 0.40 -16.83 -22.40
CA SER A 357 1.22 -17.76 -21.59
C SER A 357 2.70 -17.56 -21.90
N ASP A 358 3.06 -16.97 -23.05
CA ASP A 358 4.47 -16.76 -23.43
C ASP A 358 4.96 -15.36 -23.04
N GLY A 359 4.20 -14.57 -22.28
CA GLY A 359 4.70 -13.26 -21.78
C GLY A 359 4.52 -12.13 -22.77
N ASN A 360 3.75 -12.34 -23.84
CA ASN A 360 3.41 -11.25 -24.80
C ASN A 360 2.22 -10.46 -24.24
N GLN A 361 2.34 -9.14 -24.25
CA GLN A 361 1.20 -8.26 -23.94
C GLN A 361 0.30 -8.20 -25.16
N VAL A 362 -0.82 -8.86 -25.11
CA VAL A 362 -1.77 -8.97 -26.25
C VAL A 362 -2.43 -7.61 -26.51
N TRP A 363 -2.92 -6.98 -25.45
CA TRP A 363 -3.56 -5.66 -25.50
C TRP A 363 -3.54 -5.06 -24.11
N ILE A 364 -3.74 -3.77 -24.08
CA ILE A 364 -3.95 -3.03 -22.81
C ILE A 364 -5.04 -2.04 -23.08
N LYS A 365 -5.83 -1.79 -22.04
CA LYS A 365 -6.93 -0.81 -22.09
C LYS A 365 -6.75 0.13 -20.88
N GLN A 366 -6.80 1.42 -21.15
CA GLN A 366 -6.72 2.44 -20.08
C GLN A 366 -7.99 3.29 -20.12
N ASN A 367 -8.52 3.66 -18.95
CA ASN A 367 -9.63 4.62 -18.81
C ASN A 367 -9.03 6.00 -18.65
N GLY A 368 -8.71 6.63 -19.79
CA GLY A 368 -8.13 7.98 -19.78
C GLY A 368 -9.27 8.98 -19.67
N THR A 369 -9.67 9.28 -18.45
CA THR A 369 -10.53 10.44 -18.08
C THR A 369 -9.83 11.17 -16.95
N TYR A 370 -10.17 12.44 -16.77
CA TYR A 370 -9.49 13.33 -15.79
C TYR A 370 -9.94 13.03 -14.35
N THR A 371 -11.07 12.38 -14.16
CA THR A 371 -11.53 11.92 -12.84
C THR A 371 -10.49 10.94 -12.25
N LEU A 372 -10.20 11.13 -10.98
CA LEU A 372 -9.28 10.28 -10.19
C LEU A 372 -9.86 8.88 -10.09
N GLU A 373 -9.12 7.86 -10.48
CA GLU A 373 -9.63 6.49 -10.44
C GLU A 373 -8.55 5.58 -9.84
N GLU A 374 -8.92 4.65 -8.99
CA GLU A 374 -8.00 3.61 -8.51
C GLU A 374 -8.66 2.24 -8.77
N SER A 375 -7.90 1.21 -8.98
CA SER A 375 -8.46 -0.15 -9.19
C SER A 375 -7.47 -1.17 -8.66
N TYR A 376 -7.89 -1.97 -7.67
CA TYR A 376 -6.98 -2.93 -7.03
C TYR A 376 -7.41 -4.39 -7.28
N LYS A 377 -8.48 -4.62 -8.04
CA LYS A 377 -9.16 -5.95 -8.02
C LYS A 377 -9.60 -6.37 -9.41
N ILE A 378 -9.44 -7.70 -9.65
CA ILE A 378 -9.81 -8.31 -10.96
C ILE A 378 -10.24 -9.74 -10.74
N THR A 379 -11.16 -10.21 -11.55
CA THR A 379 -11.61 -11.62 -11.54
C THR A 379 -12.02 -12.01 -12.95
N VAL A 380 -11.97 -13.31 -13.21
CA VAL A 380 -12.33 -13.90 -14.52
C VAL A 380 -13.37 -14.96 -14.22
N ASP A 381 -14.41 -15.01 -15.04
CA ASP A 381 -15.48 -16.04 -14.87
C ASP A 381 -15.23 -17.24 -15.80
N SER A 382 -16.15 -18.21 -15.75
CA SER A 382 -16.11 -19.50 -16.50
C SER A 382 -16.10 -19.27 -18.01
N SER A 383 -16.85 -18.24 -18.44
CA SER A 383 -17.08 -17.90 -19.87
C SER A 383 -15.91 -17.10 -20.41
N GLY A 384 -14.92 -16.77 -19.56
CA GLY A 384 -13.70 -16.05 -19.95
C GLY A 384 -13.84 -14.54 -19.92
N ASN A 385 -15.01 -14.03 -19.48
CA ASN A 385 -15.25 -12.57 -19.26
C ASN A 385 -14.40 -12.10 -18.07
N ILE A 386 -14.05 -10.83 -18.11
CA ILE A 386 -13.15 -10.19 -17.13
C ILE A 386 -13.92 -9.09 -16.41
N TYR A 387 -13.77 -9.06 -15.10
CA TYR A 387 -14.34 -8.00 -14.26
C TYR A 387 -13.21 -7.31 -13.52
N THR A 388 -13.25 -5.99 -13.55
CA THR A 388 -12.41 -5.18 -12.65
C THR A 388 -13.29 -4.38 -11.71
N ALA A 389 -12.69 -3.91 -10.61
CA ALA A 389 -13.42 -3.05 -9.66
C ALA A 389 -12.48 -2.02 -9.09
N GLY A 390 -13.08 -0.96 -8.57
CA GLY A 390 -12.31 0.18 -8.09
C GLY A 390 -13.21 1.29 -7.65
N HIS A 391 -12.62 2.47 -7.47
CA HIS A 391 -13.41 3.64 -7.06
C HIS A 391 -12.98 4.85 -7.89
N THR A 392 -13.86 5.82 -7.98
CA THR A 392 -13.59 7.06 -8.76
C THR A 392 -13.97 8.24 -7.86
N PHE A 393 -13.10 9.25 -7.78
CA PHE A 393 -13.25 10.45 -6.90
C PHE A 393 -13.63 11.61 -7.79
N GLU A 410 -22.83 15.87 -5.75
CA GLU A 410 -21.69 16.51 -6.48
C GLU A 410 -20.67 17.10 -5.50
N LEU A 411 -20.83 16.88 -4.18
CA LEU A 411 -19.74 17.06 -3.21
C LEU A 411 -18.62 16.08 -3.55
N PRO A 412 -17.37 16.34 -3.11
CA PRO A 412 -16.22 15.51 -3.46
C PRO A 412 -16.27 14.21 -2.64
N SER A 413 -16.00 13.09 -3.29
CA SER A 413 -16.15 11.77 -2.64
C SER A 413 -15.81 10.66 -3.64
N THR A 414 -15.37 9.52 -3.14
CA THR A 414 -15.26 8.29 -3.98
C THR A 414 -16.59 7.55 -4.05
N ASP A 415 -16.85 6.93 -5.18
CA ASP A 415 -17.96 5.98 -5.42
C ASP A 415 -17.32 4.69 -5.94
N GLY A 416 -17.97 3.56 -5.72
CA GLY A 416 -17.47 2.27 -6.25
C GLY A 416 -17.88 2.03 -7.68
N TYR A 417 -17.11 1.23 -8.40
CA TYR A 417 -17.52 0.71 -9.70
C TYR A 417 -17.09 -0.75 -9.87
N VAL A 418 -17.83 -1.42 -10.76
CA VAL A 418 -17.43 -2.70 -11.39
C VAL A 418 -17.51 -2.54 -12.90
N ALA A 419 -16.54 -3.04 -13.62
CA ALA A 419 -16.53 -2.99 -15.09
C ALA A 419 -16.36 -4.42 -15.62
N LYS A 420 -17.09 -4.74 -16.68
CA LYS A 420 -17.05 -6.07 -17.33
C LYS A 420 -16.51 -5.91 -18.75
N PHE A 421 -15.61 -6.82 -19.13
CA PHE A 421 -14.95 -6.80 -20.45
C PHE A 421 -15.04 -8.18 -21.07
N ASP A 422 -14.96 -8.22 -22.40
CA ASP A 422 -14.73 -9.51 -23.06
C ASP A 422 -13.24 -9.78 -23.23
N SER A 423 -12.90 -10.94 -23.80
CA SER A 423 -11.51 -11.43 -23.94
C SER A 423 -10.70 -10.59 -24.91
N ASN A 424 -11.33 -9.77 -25.74
CA ASN A 424 -10.66 -8.84 -26.68
C ASN A 424 -10.54 -7.44 -26.05
N GLY A 425 -10.92 -7.27 -24.77
CA GLY A 425 -10.84 -5.98 -24.06
C GLY A 425 -11.94 -4.97 -24.41
N ASN A 426 -13.04 -5.41 -25.01
CA ASN A 426 -14.22 -4.55 -25.25
C ASN A 426 -14.98 -4.42 -23.95
N GLN A 427 -15.37 -3.19 -23.62
CA GLN A 427 -16.11 -2.93 -22.39
C GLN A 427 -17.56 -3.30 -22.65
N LEU A 428 -18.09 -4.20 -21.84
CA LEU A 428 -19.50 -4.65 -21.94
C LEU A 428 -20.38 -3.74 -21.12
N TRP A 429 -19.99 -3.39 -19.89
CA TRP A 429 -20.75 -2.38 -19.09
C TRP A 429 -19.90 -1.91 -17.93
N VAL A 430 -20.35 -0.86 -17.30
CA VAL A 430 -19.76 -0.31 -16.05
C VAL A 430 -20.89 0.04 -15.11
N ALA A 431 -20.82 -0.47 -13.88
CA ALA A 431 -21.79 -0.16 -12.82
C ALA A 431 -21.12 0.76 -11.79
N GLN A 432 -21.72 1.90 -11.53
CA GLN A 432 -21.25 2.85 -10.49
C GLN A 432 -22.30 2.95 -9.40
N PHE A 433 -21.86 3.02 -8.14
CA PHE A 433 -22.81 2.98 -7.00
C PHE A 433 -22.14 3.50 -5.75
N GLY A 434 -22.96 3.77 -4.74
CA GLY A 434 -22.45 4.14 -3.41
C GLY A 434 -23.31 5.18 -2.73
N THR A 435 -22.68 5.99 -1.89
CA THR A 435 -23.31 6.99 -1.01
C THR A 435 -22.78 8.39 -1.32
N ILE A 436 -23.34 9.35 -0.59
CA ILE A 436 -22.91 10.78 -0.68
C ILE A 436 -21.51 10.96 -0.11
N THR A 437 -20.94 9.95 0.58
CA THR A 437 -19.59 10.05 1.22
C THR A 437 -18.65 9.00 0.60
N LEU A 438 -17.52 8.75 1.30
CA LEU A 438 -16.41 7.88 0.81
C LEU A 438 -16.94 6.48 0.63
N ASP A 439 -16.87 5.90 -0.56
CA ASP A 439 -17.05 4.44 -0.78
C ASP A 439 -15.84 3.95 -1.58
N ASP A 440 -15.06 3.05 -1.02
CA ASP A 440 -13.87 2.47 -1.67
C ASP A 440 -14.14 1.01 -2.01
N ASN A 441 -13.60 0.52 -3.10
CA ASN A 441 -13.70 -0.91 -3.46
C ASN A 441 -12.45 -1.67 -2.99
N TRP A 442 -12.65 -2.78 -2.25
CA TRP A 442 -11.58 -3.76 -1.94
C TRP A 442 -12.09 -5.19 -2.18
N GLY A 443 -12.64 -5.41 -3.36
CA GLY A 443 -13.02 -6.79 -3.74
C GLY A 443 -13.89 -6.92 -4.96
N VAL A 444 -13.59 -7.94 -5.76
CA VAL A 444 -14.46 -8.40 -6.87
C VAL A 444 -14.29 -9.92 -6.96
N ALA A 445 -15.39 -10.61 -7.25
CA ALA A 445 -15.36 -12.08 -7.41
C ALA A 445 -16.60 -12.51 -8.19
N ALA A 446 -16.39 -13.35 -9.20
CA ALA A 446 -17.49 -13.90 -10.02
C ALA A 446 -17.93 -15.23 -9.43
N ASP A 447 -19.22 -15.52 -9.59
CA ASP A 447 -19.74 -16.86 -9.25
C ASP A 447 -19.74 -17.70 -10.53
N ASN A 448 -20.21 -18.94 -10.46
CA ASN A 448 -20.18 -19.74 -11.72
C ASN A 448 -21.45 -19.51 -12.55
N ASN A 449 -22.20 -18.42 -12.29
CA ASN A 449 -23.64 -18.28 -12.67
C ASN A 449 -23.96 -16.96 -13.38
N GLY A 450 -22.95 -16.23 -13.86
CA GLY A 450 -23.09 -14.96 -14.58
C GLY A 450 -23.11 -13.75 -13.68
N ASN A 451 -23.06 -13.95 -12.35
CA ASN A 451 -23.14 -12.84 -11.36
C ASN A 451 -21.74 -12.47 -10.90
N VAL A 452 -21.64 -11.27 -10.36
CA VAL A 452 -20.33 -10.76 -9.83
C VAL A 452 -20.63 -10.03 -8.54
N PHE A 453 -19.78 -10.28 -7.53
CA PHE A 453 -19.82 -9.62 -6.24
C PHE A 453 -18.71 -8.57 -6.18
N ALA A 454 -19.01 -7.49 -5.47
CA ALA A 454 -18.01 -6.45 -5.14
C ALA A 454 -18.10 -6.19 -3.65
N GLY A 455 -17.02 -5.71 -3.07
CA GLY A 455 -17.07 -5.31 -1.69
C GLY A 455 -16.12 -4.17 -1.40
N GLY A 456 -16.30 -3.49 -0.26
CA GLY A 456 -15.32 -2.48 0.17
C GLY A 456 -15.75 -1.80 1.43
N ASN A 457 -15.32 -0.56 1.59
CA ASN A 457 -15.49 0.25 2.81
C ASN A 457 -16.34 1.47 2.47
N THR A 458 -17.12 1.89 3.43
CA THR A 458 -17.91 3.14 3.29
C THR A 458 -17.93 3.92 4.59
N LYS A 459 -17.86 5.26 4.49
CA LYS A 459 -18.16 6.15 5.65
C LYS A 459 -19.66 6.35 5.83
N GLY A 460 -20.44 5.87 4.89
CA GLY A 460 -21.88 6.18 4.83
C GLY A 460 -22.77 4.99 5.12
N SER A 461 -24.05 5.17 4.84
CA SER A 461 -25.14 4.19 5.06
C SER A 461 -25.59 3.66 3.69
N PHE A 462 -24.88 2.68 3.14
CA PHE A 462 -25.10 2.17 1.77
C PHE A 462 -26.10 1.02 1.81
N GLY A 463 -25.81 -0.06 2.56
CA GLY A 463 -26.74 -1.19 2.71
C GLY A 463 -27.32 -1.29 4.11
N ALA A 464 -27.06 -0.36 5.01
CA ALA A 464 -27.53 -0.27 6.41
C ALA A 464 -27.21 1.10 6.99
N LYS A 465 -27.88 1.53 8.06
CA LYS A 465 -27.47 2.73 8.82
C LYS A 465 -26.11 2.46 9.47
N ASN A 466 -25.12 3.31 9.18
CA ASN A 466 -23.79 3.20 9.80
C ASN A 466 -23.90 3.69 11.23
N THR A 467 -23.53 2.87 12.21
CA THR A 467 -23.57 3.17 13.66
C THR A 467 -22.38 4.04 14.07
N GLY A 468 -21.40 4.26 13.20
CA GLY A 468 -20.31 5.19 13.54
C GLY A 468 -20.82 6.61 13.78
N THR A 469 -20.44 7.25 14.89
CA THR A 469 -20.86 8.66 15.18
C THR A 469 -20.02 9.71 14.43
N ALA A 470 -18.82 9.40 13.89
CA ALA A 470 -17.94 10.34 13.18
C ALA A 470 -17.50 9.78 11.82
N GLY A 471 -18.37 9.03 11.16
CA GLY A 471 -18.14 8.54 9.77
C GLY A 471 -17.11 7.40 9.71
N GLU A 472 -16.93 6.67 10.81
CA GLU A 472 -16.01 5.52 10.81
C GLU A 472 -16.50 4.51 9.76
N TYR A 473 -15.58 3.78 9.17
CA TYR A 473 -15.89 2.88 8.05
C TYR A 473 -16.72 1.66 8.49
N ASP A 474 -17.63 1.27 7.62
CA ASP A 474 -18.21 -0.07 7.63
C ASP A 474 -17.80 -0.84 6.37
N ALA A 475 -18.04 -2.15 6.36
CA ALA A 475 -17.87 -3.00 5.17
C ALA A 475 -19.18 -3.08 4.40
N TRP A 476 -19.12 -3.09 3.08
CA TRP A 476 -20.29 -3.32 2.19
C TRP A 476 -19.99 -4.45 1.21
N LEU A 477 -21.08 -5.07 0.72
CA LEU A 477 -21.08 -6.08 -0.35
C LEU A 477 -22.22 -5.77 -1.30
N VAL A 478 -21.97 -5.91 -2.60
CA VAL A 478 -23.02 -5.78 -3.65
C VAL A 478 -23.02 -7.07 -4.46
N LYS A 479 -24.17 -7.60 -4.92
CA LYS A 479 -24.25 -8.63 -5.93
C LYS A 479 -24.81 -7.98 -7.19
N LEU A 480 -24.10 -8.10 -8.31
CA LEU A 480 -24.57 -7.62 -9.63
C LEU A 480 -24.89 -8.83 -10.51
N ASN A 481 -25.86 -8.68 -11.42
CA ASN A 481 -26.16 -9.77 -12.37
C ASN A 481 -25.37 -9.59 -13.66
N LYS A 482 -25.65 -10.42 -14.67
CA LYS A 482 -24.80 -10.56 -15.88
C LYS A 482 -24.85 -9.24 -16.66
N ASP A 483 -25.86 -8.43 -16.40
CA ASP A 483 -26.08 -7.14 -17.11
C ASP A 483 -25.60 -5.95 -16.25
N GLY A 484 -25.06 -6.19 -15.06
CA GLY A 484 -24.52 -5.09 -14.24
C GLY A 484 -25.57 -4.40 -13.40
N GLN A 485 -26.75 -4.99 -13.28
CA GLN A 485 -27.84 -4.45 -12.45
C GLN A 485 -27.64 -4.98 -11.05
N THR A 486 -28.04 -4.21 -10.07
CA THR A 486 -27.85 -4.55 -8.64
C THR A 486 -28.92 -5.55 -8.18
N ASP A 487 -28.52 -6.76 -7.79
CA ASP A 487 -29.45 -7.72 -7.10
C ASP A 487 -29.66 -7.26 -5.67
N TRP A 488 -28.58 -6.96 -4.95
CA TRP A 488 -28.67 -6.55 -3.53
C TRP A 488 -27.39 -5.84 -3.06
N VAL A 489 -27.55 -5.06 -2.02
CA VAL A 489 -26.50 -4.37 -1.23
C VAL A 489 -26.61 -4.80 0.22
N ARG A 490 -25.49 -5.14 0.87
CA ARG A 490 -25.42 -5.45 2.30
C ARG A 490 -24.32 -4.63 2.96
N GLN A 491 -24.47 -4.41 4.24
CA GLN A 491 -23.51 -3.61 5.02
C GLN A 491 -23.42 -4.20 6.41
N PHE A 492 -22.24 -4.25 6.94
CA PHE A 492 -21.95 -4.79 8.27
C PHE A 492 -20.78 -4.05 8.89
N GLY A 493 -20.75 -4.03 10.21
CA GLY A 493 -19.74 -3.25 10.92
C GLY A 493 -20.00 -3.10 12.40
N THR A 494 -19.03 -2.51 13.04
CA THR A 494 -19.06 -2.04 14.44
C THR A 494 -19.17 -0.53 14.40
N PRO A 495 -19.35 0.16 15.54
CA PRO A 495 -19.28 1.62 15.56
C PRO A 495 -17.90 2.20 15.26
N ASN A 496 -16.87 1.35 15.34
CA ASN A 496 -15.46 1.80 15.12
C ASN A 496 -15.16 1.53 13.64
N TYR A 497 -13.92 1.79 13.21
CA TYR A 497 -13.49 1.41 11.84
C TYR A 497 -13.46 -0.12 11.67
N ASP A 498 -14.08 -0.54 10.60
CA ASP A 498 -13.94 -1.89 10.02
C ASP A 498 -13.48 -1.69 8.61
N PHE A 499 -12.55 -2.54 8.17
CA PHE A 499 -11.90 -2.34 6.87
C PHE A 499 -11.81 -3.68 6.13
N MET A 500 -12.46 -3.75 4.98
CA MET A 500 -12.38 -4.93 4.10
C MET A 500 -11.14 -4.82 3.23
N TRP A 501 -10.42 -5.91 3.03
CA TRP A 501 -9.32 -5.94 2.07
C TRP A 501 -9.64 -6.75 0.81
N ASP A 502 -10.36 -7.89 0.89
CA ASP A 502 -10.48 -8.81 -0.24
C ASP A 502 -11.72 -9.71 -0.10
N ILE A 503 -12.24 -10.18 -1.22
CA ILE A 503 -13.40 -11.12 -1.28
C ILE A 503 -13.14 -12.25 -2.28
N GLU A 504 -13.84 -13.36 -2.11
CA GLU A 504 -13.78 -14.51 -3.05
C GLU A 504 -15.06 -15.33 -2.86
N THR A 505 -15.46 -15.96 -3.96
CA THR A 505 -16.60 -16.92 -3.98
C THR A 505 -16.10 -18.32 -3.75
N ASP A 506 -16.96 -19.18 -3.20
CA ASP A 506 -16.73 -20.65 -3.19
C ASP A 506 -17.48 -21.28 -4.36
N SER A 507 -17.44 -22.61 -4.43
CA SER A 507 -17.99 -23.37 -5.59
C SER A 507 -19.51 -23.40 -5.53
N LEU A 508 -20.13 -23.06 -4.40
CA LEU A 508 -21.61 -22.95 -4.24
C LEU A 508 -22.07 -21.56 -4.64
N GLY A 509 -21.12 -20.64 -4.87
CA GLY A 509 -21.44 -19.24 -5.23
C GLY A 509 -21.68 -18.39 -3.99
N ASP A 510 -21.39 -18.87 -2.78
CA ASP A 510 -21.43 -17.99 -1.58
C ASP A 510 -20.21 -17.05 -1.59
N ILE A 511 -20.33 -15.91 -0.93
CA ILE A 511 -19.33 -14.81 -0.98
C ILE A 511 -18.69 -14.63 0.39
N TYR A 512 -17.36 -14.62 0.38
CA TYR A 512 -16.56 -14.47 1.60
C TYR A 512 -15.76 -13.17 1.53
N ALA A 513 -15.66 -12.47 2.64
CA ALA A 513 -14.86 -11.23 2.72
C ALA A 513 -13.95 -11.32 3.92
N THR A 514 -12.77 -10.72 3.81
CA THR A 514 -11.84 -10.62 4.97
C THR A 514 -11.39 -9.17 5.16
N GLY A 515 -11.07 -8.83 6.38
CA GLY A 515 -10.61 -7.49 6.74
C GLY A 515 -10.16 -7.41 8.15
N TRP A 516 -9.91 -6.19 8.62
CA TRP A 516 -9.63 -5.93 10.04
C TRP A 516 -10.76 -5.12 10.67
N THR A 517 -10.76 -5.13 11.99
CA THR A 517 -11.69 -4.30 12.79
C THR A 517 -10.91 -3.81 14.00
N LEU A 518 -11.28 -2.61 14.43
CA LEU A 518 -10.91 -2.06 15.74
C LEU A 518 -12.02 -2.35 16.78
N GLY A 519 -13.12 -2.96 16.39
CA GLY A 519 -14.30 -3.22 17.27
C GLY A 519 -14.56 -4.70 17.48
N ASP A 520 -15.76 -5.01 17.95
CA ASP A 520 -16.22 -6.39 18.26
C ASP A 520 -17.13 -6.81 17.12
N LEU A 521 -16.56 -7.32 16.04
CA LEU A 521 -17.37 -7.59 14.84
C LEU A 521 -17.83 -9.04 14.83
N GLY A 522 -16.91 -10.02 14.89
CA GLY A 522 -17.27 -11.44 14.93
C GLY A 522 -17.14 -11.97 16.35
N GLY A 523 -16.64 -11.15 17.24
CA GLY A 523 -16.38 -11.53 18.63
C GLY A 523 -15.71 -10.40 19.38
N LYS A 524 -15.31 -10.67 20.63
CA LYS A 524 -14.67 -9.66 21.50
C LYS A 524 -13.27 -9.32 20.94
N ASN A 525 -13.02 -8.04 20.73
CA ASN A 525 -11.70 -7.58 20.19
C ASN A 525 -10.61 -7.95 21.19
N ALA A 526 -9.54 -8.61 20.73
CA ALA A 526 -8.43 -9.04 21.60
C ALA A 526 -7.45 -7.91 21.93
N GLY A 527 -7.51 -6.82 21.18
CA GLY A 527 -6.64 -5.64 21.30
C GLY A 527 -6.35 -5.08 19.92
N SER A 528 -6.36 -3.79 19.80
CA SER A 528 -5.88 -3.11 18.57
C SER A 528 -6.67 -3.66 17.37
N TYR A 529 -6.00 -3.82 16.23
CA TYR A 529 -6.60 -4.44 15.02
C TYR A 529 -6.70 -5.96 15.20
N ASP A 530 -7.86 -6.50 14.84
CA ASP A 530 -8.11 -7.97 14.74
C ASP A 530 -8.58 -8.31 13.34
N VAL A 531 -8.41 -9.59 12.98
CA VAL A 531 -8.82 -10.10 11.66
C VAL A 531 -10.27 -10.58 11.73
N TRP A 532 -11.03 -10.36 10.70
CA TRP A 532 -12.36 -11.01 10.54
C TRP A 532 -12.51 -11.70 9.20
N LEU A 533 -13.43 -12.67 9.16
CA LEU A 533 -13.84 -13.41 7.96
C LEU A 533 -15.36 -13.52 7.99
N ALA A 534 -15.99 -12.95 7.01
CA ALA A 534 -17.48 -12.94 6.89
C ALA A 534 -17.89 -13.78 5.71
N LYS A 535 -19.00 -14.50 5.87
CA LYS A 535 -19.69 -15.28 4.82
C LYS A 535 -21.13 -14.85 4.64
N TYR A 536 -21.49 -14.53 3.42
CA TYR A 536 -22.89 -14.28 2.99
C TYR A 536 -23.26 -15.39 2.02
N ASN A 537 -24.55 -15.79 2.03
CA ASN A 537 -25.08 -16.60 0.93
C ASN A 537 -25.44 -15.74 -0.27
N THR A 538 -25.65 -16.39 -1.42
CA THR A 538 -25.90 -15.72 -2.72
C THR A 538 -27.16 -14.85 -2.60
N ASN A 539 -28.03 -15.14 -1.65
CA ASN A 539 -29.30 -14.38 -1.51
C ASN A 539 -29.15 -13.22 -0.55
N GLY A 540 -27.95 -12.93 -0.03
CA GLY A 540 -27.73 -11.75 0.82
C GLY A 540 -27.87 -12.01 2.29
N ASN A 541 -28.16 -13.26 2.70
CA ASN A 541 -28.19 -13.54 4.14
C ASN A 541 -26.78 -13.65 4.75
N GLN A 542 -26.53 -12.98 5.85
CA GLN A 542 -25.24 -13.09 6.55
C GLN A 542 -25.24 -14.46 7.23
N LEU A 543 -24.23 -15.28 6.99
CA LEU A 543 -24.21 -16.60 7.63
C LEU A 543 -23.40 -16.59 8.92
N TRP A 544 -22.22 -15.96 8.93
CA TRP A 544 -21.39 -15.88 10.14
C TRP A 544 -20.24 -14.88 9.87
N ILE A 545 -19.72 -14.39 10.98
CA ILE A 545 -18.47 -13.58 10.99
C ILE A 545 -17.60 -14.17 12.06
N LYS A 546 -16.36 -14.55 11.69
CA LYS A 546 -15.35 -15.02 12.66
C LYS A 546 -14.36 -13.88 12.92
N GLN A 547 -13.84 -13.81 14.13
CA GLN A 547 -12.81 -12.81 14.45
C GLN A 547 -11.74 -13.48 15.25
N PHE A 548 -10.48 -13.19 14.92
CA PHE A 548 -9.32 -13.71 15.68
C PHE A 548 -8.20 -12.68 15.71
N GLY A 549 -7.31 -12.87 16.65
CA GLY A 549 -6.24 -11.89 16.85
C GLY A 549 -5.50 -12.08 18.14
N THR A 550 -4.45 -11.31 18.28
CA THR A 550 -3.67 -11.10 19.53
C THR A 550 -4.08 -9.75 20.12
N SER A 551 -3.47 -9.44 21.27
CA SER A 551 -3.56 -8.14 21.93
C SER A 551 -2.92 -7.04 21.06
N GLU A 552 -2.13 -7.44 20.04
CA GLU A 552 -1.37 -6.51 19.20
C GLU A 552 -2.10 -6.34 17.88
N ASP A 553 -1.38 -5.87 16.88
CA ASP A 553 -1.98 -5.49 15.58
C ASP A 553 -2.01 -6.68 14.64
N ASP A 554 -3.18 -7.17 14.25
CA ASP A 554 -3.37 -8.32 13.31
C ASP A 554 -4.34 -7.92 12.21
N ALA A 555 -4.00 -8.19 10.97
CA ALA A 555 -4.85 -7.78 9.83
C ALA A 555 -4.49 -8.64 8.64
N PRO A 556 -5.47 -8.94 7.78
CA PRO A 556 -5.17 -9.44 6.45
C PRO A 556 -4.66 -8.21 5.66
N PHE A 557 -4.21 -8.37 4.42
CA PHE A 557 -3.70 -7.24 3.62
C PHE A 557 -3.85 -7.54 2.13
N LEU A 558 -4.20 -6.53 1.36
CA LEU A 558 -4.29 -6.55 -0.12
C LEU A 558 -5.02 -7.81 -0.62
N ASP A 559 -4.36 -8.71 -1.34
CA ASP A 559 -5.02 -9.87 -2.00
C ASP A 559 -5.08 -10.99 -0.94
N GLY A 560 -5.81 -10.77 0.14
CA GLY A 560 -5.68 -11.57 1.36
C GLY A 560 -6.63 -12.75 1.51
N ILE A 561 -7.45 -13.09 0.52
CA ILE A 561 -8.27 -14.34 0.60
C ILE A 561 -8.13 -15.13 -0.69
N ASP A 562 -8.09 -16.45 -0.61
CA ASP A 562 -8.32 -17.32 -1.78
C ASP A 562 -9.11 -18.55 -1.33
N ILE A 563 -9.77 -19.19 -2.30
CA ILE A 563 -10.64 -20.36 -2.04
C ILE A 563 -10.30 -21.38 -3.11
N ASP A 564 -9.94 -22.56 -2.67
CA ASP A 564 -9.57 -23.62 -3.62
C ASP A 564 -10.81 -24.37 -4.13
N ALA A 565 -10.55 -25.32 -5.02
CA ALA A 565 -11.58 -26.17 -5.64
C ALA A 565 -12.36 -26.97 -4.60
N ASN A 566 -11.81 -27.22 -3.43
CA ASN A 566 -12.48 -27.99 -2.36
C ASN A 566 -13.16 -27.06 -1.35
N ASP A 567 -13.27 -25.75 -1.63
CA ASP A 567 -13.94 -24.77 -0.74
C ASP A 567 -13.19 -24.63 0.58
N ASN A 568 -11.89 -24.84 0.61
CA ASN A 568 -10.98 -24.45 1.71
C ASN A 568 -10.67 -22.93 1.53
N ILE A 569 -10.74 -22.19 2.63
CA ILE A 569 -10.51 -20.70 2.64
C ILE A 569 -9.12 -20.46 3.17
N PHE A 570 -8.31 -19.68 2.45
CA PHE A 570 -6.97 -19.29 2.91
C PHE A 570 -6.93 -17.76 3.08
N LEU A 571 -6.41 -17.32 4.20
CA LEU A 571 -6.26 -15.88 4.53
C LEU A 571 -4.78 -15.56 4.71
N THR A 572 -4.38 -14.30 4.46
CA THR A 572 -2.99 -13.92 4.71
C THR A 572 -2.91 -12.42 5.07
N GLY A 573 -1.86 -12.02 5.75
CA GLY A 573 -1.58 -10.63 6.05
C GLY A 573 -0.40 -10.45 6.97
N ASN A 574 -0.48 -9.53 7.89
CA ASN A 574 0.63 -9.21 8.83
C ASN A 574 0.12 -9.15 10.27
N THR A 575 1.04 -9.27 11.20
CA THR A 575 0.82 -9.13 12.65
C THR A 575 2.11 -8.63 13.28
N ASN A 576 1.99 -7.82 14.31
CA ASN A 576 3.15 -7.48 15.16
C ASN A 576 2.97 -8.15 16.52
N GLY A 577 2.07 -9.12 16.60
CA GLY A 577 1.94 -10.00 17.79
C GLY A 577 2.46 -11.41 17.56
N ASN A 578 2.23 -12.27 18.56
CA ASN A 578 2.55 -13.71 18.50
C ASN A 578 1.30 -14.49 18.07
N LEU A 579 0.92 -14.37 16.80
CA LEU A 579 -0.42 -14.85 16.35
C LEU A 579 -0.37 -16.33 16.04
N GLY A 580 0.60 -16.75 15.22
CA GLY A 580 0.77 -18.15 14.79
C GLY A 580 1.94 -18.79 15.51
N GLY A 581 2.70 -18.00 16.25
CA GLY A 581 3.94 -18.43 16.89
C GLY A 581 4.66 -17.21 17.38
N ALA A 582 5.87 -17.39 17.85
CA ALA A 582 6.70 -16.27 18.33
C ALA A 582 6.96 -15.28 17.20
N ASN A 583 6.81 -14.00 17.49
CA ASN A 583 7.10 -12.92 16.51
C ASN A 583 8.63 -12.82 16.32
N ALA A 584 9.09 -12.78 15.08
CA ALA A 584 10.52 -12.71 14.71
C ALA A 584 11.05 -11.30 14.85
N GLY A 585 10.19 -10.28 14.88
CA GLY A 585 10.60 -8.88 14.98
C GLY A 585 9.68 -8.00 14.10
N SER A 586 9.29 -6.82 14.58
CA SER A 586 8.43 -5.88 13.81
C SER A 586 7.12 -6.62 13.47
N TYR A 587 6.58 -6.33 12.28
CA TYR A 587 5.48 -7.11 11.69
C TYR A 587 6.08 -8.34 11.02
N ASP A 588 5.35 -9.43 11.12
CA ASP A 588 5.61 -10.69 10.41
C ASP A 588 4.44 -11.00 9.47
N ALA A 589 4.60 -11.90 8.53
CA ALA A 589 3.51 -12.46 7.73
C ALA A 589 2.78 -13.54 8.52
N TRP A 590 1.51 -13.76 8.20
CA TRP A 590 0.80 -14.96 8.70
C TRP A 590 -0.10 -15.45 7.59
N ALA A 591 -0.46 -16.71 7.68
CA ALA A 591 -1.45 -17.34 6.78
C ALA A 591 -2.31 -18.28 7.61
N ALA A 592 -3.57 -18.43 7.23
CA ALA A 592 -4.51 -19.35 7.91
C ALA A 592 -5.35 -20.09 6.90
N LYS A 593 -5.80 -21.28 7.30
CA LYS A 593 -6.78 -22.09 6.55
C LYS A 593 -8.05 -22.26 7.39
N PHE A 594 -9.18 -22.04 6.76
CA PHE A 594 -10.54 -22.20 7.33
C PHE A 594 -11.32 -23.17 6.45
N ASP A 595 -12.24 -23.91 7.03
CA ASP A 595 -13.25 -24.60 6.19
C ASP A 595 -14.43 -23.67 5.92
N LYS A 596 -15.35 -24.11 5.07
CA LYS A 596 -16.42 -23.24 4.51
C LYS A 596 -17.45 -22.89 5.58
N ASP A 597 -17.36 -23.47 6.76
CA ASP A 597 -18.21 -23.15 7.93
C ASP A 597 -17.49 -22.29 8.95
N GLY A 598 -16.30 -21.82 8.59
CA GLY A 598 -15.56 -20.87 9.41
C GLY A 598 -14.83 -21.50 10.58
N ASN A 599 -14.55 -22.80 10.52
CA ASN A 599 -13.65 -23.46 11.50
C ASN A 599 -12.19 -23.23 11.09
N GLN A 600 -11.35 -22.78 12.03
CA GLN A 600 -9.91 -22.51 11.75
C GLN A 600 -9.20 -23.85 11.79
N LEU A 601 -8.51 -24.22 10.72
CA LEU A 601 -7.79 -25.52 10.63
C LEU A 601 -6.32 -25.34 10.96
N TRP A 602 -5.71 -24.24 10.55
CA TRP A 602 -4.33 -23.93 10.98
C TRP A 602 -4.04 -22.43 10.80
N LEU A 603 -3.01 -21.97 11.50
CA LEU A 603 -2.59 -20.55 11.45
C LEU A 603 -1.08 -20.57 11.65
N LYS A 604 -0.35 -20.11 10.64
CA LYS A 604 1.12 -20.14 10.60
C LYS A 604 1.61 -18.70 10.60
N GLN A 605 2.76 -18.46 11.17
CA GLN A 605 3.39 -17.12 11.17
C GLN A 605 4.85 -17.28 10.76
N PHE A 606 5.37 -16.37 9.97
CA PHE A 606 6.72 -16.51 9.41
C PHE A 606 7.24 -15.12 9.03
N GLY A 607 8.54 -14.95 9.11
CA GLY A 607 9.16 -13.73 8.61
C GLY A 607 10.57 -13.54 9.12
N THR A 608 11.03 -12.31 9.10
CA THR A 608 12.41 -11.93 9.44
C THR A 608 12.33 -11.05 10.69
N PRO A 609 13.44 -10.76 11.38
CA PRO A 609 13.48 -9.75 12.44
C PRO A 609 13.03 -8.34 12.00
N ASP A 610 13.00 -8.09 10.70
CA ASP A 610 12.62 -6.77 10.17
C ASP A 610 11.15 -6.80 9.77
N TYR A 611 10.67 -5.72 9.21
CA TYR A 611 9.25 -5.61 8.77
C TYR A 611 8.99 -6.64 7.68
N ASP A 612 7.91 -7.43 7.79
CA ASP A 612 7.39 -8.29 6.71
C ASP A 612 5.86 -8.17 6.67
N THR A 613 5.28 -8.31 5.49
CA THR A 613 3.83 -8.59 5.39
C THR A 613 3.56 -9.49 4.21
N ALA A 614 2.63 -10.41 4.34
CA ALA A 614 2.06 -11.10 3.16
C ALA A 614 1.21 -10.06 2.42
N THR A 615 1.10 -10.20 1.11
CA THR A 615 0.23 -9.40 0.24
C THR A 615 -0.71 -10.28 -0.59
N THR A 616 -0.48 -11.59 -0.75
CA THR A 616 -1.32 -12.38 -1.66
C THR A 616 -1.16 -13.88 -1.37
N VAL A 617 -2.22 -14.59 -1.66
CA VAL A 617 -2.30 -16.05 -1.44
C VAL A 617 -2.99 -16.70 -2.65
N THR A 618 -2.35 -17.73 -3.20
CA THR A 618 -2.91 -18.53 -4.31
C THR A 618 -2.83 -20.00 -3.92
N ALA A 619 -4.00 -20.63 -3.80
CA ALA A 619 -4.06 -22.12 -3.69
C ALA A 619 -3.81 -22.72 -5.08
N VAL A 620 -3.06 -23.82 -5.13
CA VAL A 620 -2.86 -24.63 -6.36
C VAL A 620 -3.43 -26.02 -6.02
N ASN A 621 -3.03 -27.04 -6.75
CA ASN A 621 -3.60 -28.39 -6.50
C ASN A 621 -2.51 -29.21 -5.81
N PHE A 622 -2.71 -30.52 -5.62
CA PHE A 622 -1.79 -31.44 -4.93
C PHE A 622 -1.46 -30.88 -3.54
N GLY A 623 -2.43 -30.21 -2.91
CA GLY A 623 -2.41 -29.74 -1.51
C GLY A 623 -1.27 -28.76 -1.25
N LYS A 624 -0.99 -27.89 -2.22
CA LYS A 624 0.01 -26.82 -2.05
C LYS A 624 -0.65 -25.44 -2.23
N LEU A 625 -0.01 -24.46 -1.61
CA LEU A 625 -0.51 -23.08 -1.51
C LEU A 625 0.71 -22.20 -1.64
N TYR A 626 0.57 -21.05 -2.30
CA TYR A 626 1.62 -20.04 -2.33
C TYR A 626 1.18 -18.78 -1.56
N VAL A 627 2.03 -18.39 -0.63
CA VAL A 627 1.86 -17.10 0.10
C VAL A 627 3.01 -16.21 -0.33
N SER A 628 2.74 -15.00 -0.80
CA SER A 628 3.82 -14.10 -1.25
C SER A 628 3.67 -12.75 -0.54
N GLY A 629 4.71 -11.94 -0.55
CA GLY A 629 4.69 -10.64 0.09
C GLY A 629 5.99 -9.91 0.01
N ILE A 630 6.14 -9.00 0.96
CA ILE A 630 7.24 -8.01 0.97
C ILE A 630 7.97 -8.01 2.29
N THR A 631 9.21 -7.52 2.25
CA THR A 631 10.06 -7.49 3.46
C THR A 631 11.15 -6.42 3.38
N GLU A 632 11.56 -5.92 4.53
CA GLU A 632 12.77 -5.08 4.68
C GLU A 632 13.96 -5.96 5.10
N GLY A 633 13.71 -7.24 5.36
CA GLY A 633 14.83 -8.12 5.75
C GLY A 633 15.34 -9.00 4.63
N SER A 634 16.01 -10.07 5.03
CA SER A 634 16.61 -11.02 4.08
C SER A 634 15.81 -12.32 4.14
N LEU A 635 14.81 -12.44 3.25
CA LEU A 635 13.89 -13.56 3.27
C LEU A 635 14.08 -14.32 1.96
N GLY A 636 14.65 -15.51 2.04
CA GLY A 636 15.01 -16.31 0.85
C GLY A 636 16.48 -16.17 0.51
N THR A 637 16.96 -14.95 0.31
CA THR A 637 18.40 -14.67 0.20
C THR A 637 18.62 -13.24 0.65
N THR A 638 19.86 -12.84 0.68
CA THR A 638 20.28 -11.54 1.20
C THR A 638 19.44 -10.41 0.58
N ASN A 639 18.93 -9.50 1.42
CA ASN A 639 18.25 -8.29 0.92
C ASN A 639 19.12 -7.53 -0.10
N ALA A 640 18.56 -7.21 -1.26
CA ALA A 640 19.21 -6.53 -2.40
C ALA A 640 19.15 -5.01 -2.21
N GLY A 641 18.29 -4.52 -1.34
CA GLY A 641 18.16 -3.10 -0.99
C GLY A 641 16.72 -2.77 -0.65
N SER A 642 16.52 -2.03 0.41
CA SER A 642 15.20 -1.55 0.88
C SER A 642 14.18 -2.70 0.81
N TYR A 643 13.02 -2.51 0.21
CA TYR A 643 12.01 -3.53 0.10
C TYR A 643 12.42 -4.53 -0.97
N ASP A 644 12.29 -5.78 -0.57
CA ASP A 644 12.36 -6.96 -1.47
C ASP A 644 11.06 -7.78 -1.35
N SER A 645 10.88 -8.73 -2.23
CA SER A 645 9.66 -9.56 -2.20
C SER A 645 10.05 -11.03 -2.11
N TRP A 646 9.04 -11.84 -1.84
CA TRP A 646 9.24 -13.28 -1.61
C TRP A 646 7.98 -14.04 -1.93
N ALA A 647 8.14 -15.32 -2.24
CA ALA A 647 7.03 -16.27 -2.38
C ALA A 647 7.38 -17.56 -1.61
N LEU A 648 6.46 -18.04 -0.82
CA LEU A 648 6.65 -19.25 0.00
C LEU A 648 5.63 -20.28 -0.47
N LYS A 649 6.08 -21.53 -0.63
CA LYS A 649 5.19 -22.67 -0.91
C LYS A 649 4.91 -23.41 0.40
N LEU A 650 3.63 -23.56 0.73
CA LEU A 650 3.19 -24.24 1.95
C LEU A 650 2.43 -25.50 1.57
N ASP A 651 2.47 -26.47 2.48
CA ASP A 651 1.57 -27.65 2.43
C ASP A 651 0.19 -27.20 2.92
N ALA A 652 -0.86 -27.32 2.11
CA ALA A 652 -2.24 -26.89 2.45
C ALA A 652 -2.81 -27.70 3.60
N ASP A 653 -2.25 -28.87 3.90
CA ASP A 653 -2.80 -29.71 5.00
C ASP A 653 -2.49 -29.11 6.38
N ASN A 654 -1.30 -28.55 6.59
CA ASN A 654 -0.82 -28.19 7.94
C ASN A 654 -0.12 -26.82 7.96
N GLY A 655 0.03 -26.16 6.80
CA GLY A 655 0.77 -24.89 6.73
C GLY A 655 2.30 -25.01 6.78
N GLU A 656 2.85 -26.21 6.66
CA GLU A 656 4.30 -26.41 6.75
C GLU A 656 4.99 -25.83 5.51
N ILE A 657 6.11 -25.13 5.74
CA ILE A 657 6.85 -24.46 4.64
C ILE A 657 7.64 -25.53 3.88
N GLN A 658 7.48 -25.55 2.55
CA GLN A 658 8.22 -26.48 1.64
C GLN A 658 9.29 -25.67 0.91
N ASP A 659 10.36 -26.29 0.40
CA ASP A 659 11.26 -25.54 -0.47
C ASP A 659 10.49 -25.14 -1.73
N PHE A 660 10.68 -23.90 -2.18
CA PHE A 660 9.99 -23.40 -3.39
C PHE A 660 10.28 -24.27 -4.61
N ASN A 661 11.49 -24.80 -4.64
CA ASN A 661 12.02 -25.58 -5.76
C ASN A 661 11.82 -27.07 -5.53
N SER A 662 11.11 -27.50 -4.48
CA SER A 662 10.87 -28.94 -4.20
C SER A 662 10.05 -29.51 -5.35
N SER A 663 10.47 -30.68 -5.85
CA SER A 663 9.68 -31.43 -6.83
C SER A 663 10.00 -32.92 -6.73
N THR A 664 9.08 -33.73 -7.20
CA THR A 664 9.15 -35.21 -7.08
C THR A 664 10.17 -35.75 -8.07
N ASN A 665 10.63 -34.97 -9.06
CA ASN A 665 11.59 -35.44 -10.10
C ASN A 665 13.01 -34.85 -9.90
N THR A 666 13.27 -33.98 -8.90
CA THR A 666 14.59 -33.34 -8.67
C THR A 666 15.04 -33.46 -7.21
N PHE A 667 16.33 -33.21 -6.95
CA PHE A 667 16.90 -33.25 -5.57
C PHE A 667 18.19 -32.39 -5.56
C1 EDO B . -13.62 2.31 -15.58
O1 EDO B . -12.23 2.28 -15.74
C2 EDO B . -14.34 1.65 -16.69
O2 EDO B . -13.57 1.40 -17.87
C1 EDO C . -9.96 0.14 -18.80
O1 EDO C . -10.95 1.09 -19.18
C2 EDO C . -9.75 0.08 -17.33
O2 EDO C . -10.96 0.14 -16.61
C1 EDO D . -9.30 -2.00 21.78
O1 EDO D . -9.72 -3.37 21.80
C2 EDO D . -8.07 -1.80 22.56
O2 EDO D . -6.85 -2.03 21.87
C1 EDO E . -33.32 -14.29 1.42
O1 EDO E . -32.45 -13.27 0.93
C2 EDO E . -33.53 -15.39 0.46
O2 EDO E . -34.72 -16.12 0.68
C1 EDO F . 5.58 1.00 12.63
O1 EDO F . 5.76 1.36 13.98
C2 EDO F . 6.35 -0.25 12.30
O2 EDO F . 7.71 -0.03 12.53
C1 EDO G . 12.99 -11.48 -12.05
O1 EDO G . 13.31 -11.92 -10.69
C2 EDO G . 14.03 -11.69 -13.10
O2 EDO G . 13.60 -12.29 -14.31
C1 EDO H . -23.08 -1.14 11.62
O1 EDO H . -22.75 0.22 11.32
C2 EDO H . -24.11 -1.74 10.75
O2 EDO H . -24.14 -1.19 9.45
BR BR I . -8.46 4.22 3.47
BR BR J . -8.39 14.34 17.25
BR BR K . 3.23 35.28 14.15
BR BR L . 0.28 2.55 -8.53
CA CA M . -2.24 4.11 8.12
CA CA N . 0.00 6.60 11.58
CA CA O . 2.42 8.77 15.24
CA CA P . 20.64 15.63 1.62
CA CA Q . 14.80 -4.18 -3.20
CA CA R . 6.96 3.91 -14.29
CA CA S . -19.61 7.96 -2.61
CA CA T . -17.74 0.49 11.43
CA CA U . -5.38 -7.69 17.70
CA CA V . 9.20 -9.53 10.94
MG MG W . -7.75 -13.07 -3.41
MG MG X . 12.27 -10.22 -18.02
NA NA Y . 25.69 5.99 -0.55
#